data_4GE7
#
_entry.id   4GE7
#
_cell.length_a   85.740
_cell.length_b   114.968
_cell.length_c   116.548
_cell.angle_alpha   90.000
_cell.angle_beta   90.000
_cell.angle_gamma   90.000
#
_symmetry.space_group_name_H-M   'P 21 21 21'
#
loop_
_entity.id
_entity.type
_entity.pdbx_description
1 polymer 'Kynurenine/alpha-aminoadipate aminotransferase, mitochondrial'
2 non-polymer '(5-hydroxy-4-{[(1-hydroxy-2-oxo-6-phenoxy-1,2-dihydroquinolin-3-yl)amino]methyl}-6-methylpyridin-3-yl)methyl dihydrogen phosphate'
3 water water
#
_entity_poly.entity_id   1
_entity_poly.type   'polypeptide(L)'
_entity_poly.pdbx_seq_one_letter_code
;MNYARFITAASAARNPSPIRTMTDILSRGPKSMISLAGGLPNPNMFPFKTAVITVENGKTIQFGEEMMKRALQYSPSAGI
PELLSWLKQLQIKLHNPPTIHYPPSQGQMDLCVTSGSQQGL(CSO)KVFEMIINPGDNVLLDEPAYSGTLQSLHPLGCNI
INVASDESGIVPDSLRDILSRWKPEDAKNPQKNTPKFLYTVPNGNNPTGNSLTSERKKEIYELARKYDFLIIEDDPYYFL
QFNSGRVPTFLSMDVDGRVIRADSFSKIISSGLRIGFLTGPKPLIERVILHIQVSTLHPSTFNQLMISQLLHEWGEEGFM
AHVDRVIDFYSNQKDAILAAADKWLTGLAEWHVPAAGMFLWIKVKGINDVKELIEEKAVKMGVLMLPGNAFYVDSSAPSP
YLRASFSSASPEQMDVAFQVLAQLIKESLLVPRGSLEHHHHHH
;
_entity_poly.pdbx_strand_id   A,B
#
# COMPACT_ATOMS: atom_id res chain seq x y z
N MET A 1 8.30 -23.42 -16.06
CA MET A 1 9.28 -22.90 -15.10
C MET A 1 8.83 -23.19 -13.66
N ASN A 2 9.79 -23.47 -12.77
CA ASN A 2 9.49 -23.66 -11.34
C ASN A 2 9.75 -22.32 -10.69
N TYR A 3 8.71 -21.74 -10.10
CA TYR A 3 8.81 -20.45 -9.42
C TYR A 3 9.06 -20.54 -7.91
N ALA A 4 8.95 -21.76 -7.34
CA ALA A 4 9.14 -21.99 -5.89
C ALA A 4 10.47 -21.44 -5.36
N ARG A 5 11.55 -21.55 -6.14
CA ARG A 5 12.84 -21.02 -5.70
C ARG A 5 12.91 -19.48 -5.63
N PHE A 6 12.00 -18.77 -6.32
CA PHE A 6 11.91 -17.30 -6.30
C PHE A 6 10.88 -16.79 -5.30
N ILE A 7 10.42 -17.65 -4.39
CA ILE A 7 9.44 -17.19 -3.42
C ILE A 7 9.80 -17.63 -1.99
N THR A 8 9.89 -16.68 -1.04
CA THR A 8 10.18 -16.97 0.38
C THR A 8 9.12 -17.91 0.97
N ALA A 9 9.42 -18.53 2.13
CA ALA A 9 8.49 -19.39 2.87
C ALA A 9 7.25 -18.56 3.31
N ALA A 10 7.45 -17.29 3.72
CA ALA A 10 6.37 -16.38 4.12
C ALA A 10 5.43 -16.07 2.94
N SER A 11 5.98 -15.81 1.75
CA SER A 11 5.18 -15.54 0.56
C SER A 11 4.35 -16.78 0.18
N ALA A 12 4.98 -17.96 0.20
CA ALA A 12 4.32 -19.23 -0.12
C ALA A 12 3.19 -19.55 0.84
N ALA A 13 3.33 -19.16 2.12
CA ALA A 13 2.33 -19.37 3.17
C ALA A 13 1.05 -18.53 3.00
N ARG A 14 1.08 -17.43 2.22
CA ARG A 14 -0.09 -16.56 2.01
C ARG A 14 -1.29 -17.31 1.42
N ASN A 15 -2.47 -17.05 1.98
CA ASN A 15 -3.74 -17.64 1.57
C ASN A 15 -4.73 -16.54 1.15
N PRO A 16 -5.63 -16.84 0.19
CA PRO A 16 -6.62 -15.81 -0.21
C PRO A 16 -7.68 -15.55 0.85
N SER A 17 -8.29 -14.37 0.80
CA SER A 17 -9.37 -13.95 1.69
C SER A 17 -10.57 -14.90 1.50
N PRO A 18 -11.37 -15.22 2.55
CA PRO A 18 -12.54 -16.11 2.34
C PRO A 18 -13.62 -15.56 1.40
N ILE A 19 -13.64 -14.23 1.14
CA ILE A 19 -14.59 -13.62 0.21
C ILE A 19 -14.32 -13.97 -1.27
N ARG A 20 -13.10 -14.48 -1.59
CA ARG A 20 -12.72 -14.91 -2.94
C ARG A 20 -13.58 -16.09 -3.37
N THR A 21 -13.83 -17.05 -2.42
CA THR A 21 -14.68 -18.21 -2.65
C THR A 21 -16.09 -17.67 -2.97
N MET A 22 -16.57 -16.70 -2.16
CA MET A 22 -17.86 -16.01 -2.29
C MET A 22 -17.96 -15.16 -3.58
N THR A 23 -16.81 -14.93 -4.26
CA THR A 23 -16.72 -14.19 -5.54
C THR A 23 -16.68 -15.19 -6.71
N ASP A 24 -16.10 -16.39 -6.49
CA ASP A 24 -15.99 -17.46 -7.49
C ASP A 24 -17.27 -18.29 -7.59
N ILE A 25 -17.90 -18.59 -6.44
CA ILE A 25 -19.17 -19.34 -6.37
C ILE A 25 -20.38 -18.47 -6.78
N LEU A 26 -20.23 -17.13 -6.68
CA LEU A 26 -21.20 -16.10 -7.05
C LEU A 26 -21.61 -16.21 -8.54
N SER A 27 -20.64 -16.53 -9.42
CA SER A 27 -20.78 -16.66 -10.88
C SER A 27 -21.22 -18.06 -11.36
N ARG A 28 -21.72 -18.90 -10.43
CA ARG A 28 -22.12 -20.29 -10.70
C ARG A 28 -23.51 -20.65 -10.13
N GLY A 29 -24.03 -19.81 -9.21
CA GLY A 29 -25.36 -19.97 -8.63
C GLY A 29 -26.39 -19.11 -9.34
N PRO A 30 -27.50 -18.69 -8.68
CA PRO A 30 -28.48 -17.83 -9.38
C PRO A 30 -27.99 -16.41 -9.68
N LYS A 31 -28.84 -15.60 -10.33
CA LYS A 31 -28.50 -14.23 -10.76
C LYS A 31 -28.93 -13.13 -9.78
N SER A 32 -30.14 -13.26 -9.18
CA SER A 32 -30.68 -12.29 -8.23
C SER A 32 -30.39 -12.75 -6.78
N MET A 33 -29.10 -12.89 -6.46
CA MET A 33 -28.60 -13.35 -5.16
C MET A 33 -28.60 -12.30 -4.07
N ILE A 34 -28.83 -12.75 -2.81
CA ILE A 34 -28.80 -11.92 -1.62
C ILE A 34 -27.47 -12.17 -0.90
N SER A 35 -26.74 -11.11 -0.62
CA SER A 35 -25.47 -11.22 0.05
C SER A 35 -25.45 -10.65 1.46
N LEU A 36 -25.17 -11.53 2.43
CA LEU A 36 -24.97 -11.21 3.84
C LEU A 36 -23.54 -11.70 4.20
N ALA A 37 -22.72 -12.01 3.16
CA ALA A 37 -21.36 -12.51 3.35
C ALA A 37 -20.38 -11.37 3.42
N GLY A 38 -20.32 -10.56 2.38
CA GLY A 38 -19.40 -9.44 2.29
C GLY A 38 -19.48 -8.50 3.47
N GLY A 39 -18.34 -8.00 3.89
CA GLY A 39 -18.26 -7.02 4.96
C GLY A 39 -18.33 -5.62 4.40
N LEU A 40 -19.02 -5.47 3.22
CA LEU A 40 -19.20 -4.20 2.51
C LEU A 40 -20.11 -3.26 3.26
N PRO A 41 -19.67 -2.03 3.59
CA PRO A 41 -20.58 -1.09 4.26
C PRO A 41 -21.65 -0.59 3.28
N ASN A 42 -22.76 -0.07 3.80
CA ASN A 42 -23.85 0.47 2.99
C ASN A 42 -23.37 1.72 2.25
N PRO A 43 -23.39 1.70 0.90
CA PRO A 43 -22.91 2.86 0.12
C PRO A 43 -23.69 4.15 0.36
N ASN A 44 -25.01 4.06 0.62
CA ASN A 44 -25.89 5.21 0.88
C ASN A 44 -25.48 6.08 2.08
N MET A 45 -24.66 5.55 2.98
CA MET A 45 -24.16 6.25 4.16
C MET A 45 -23.01 7.19 3.83
N PHE A 46 -22.35 6.99 2.66
CA PHE A 46 -21.20 7.81 2.25
C PHE A 46 -21.60 9.25 1.87
N PRO A 47 -20.84 10.27 2.33
CA PRO A 47 -21.26 11.66 2.10
C PRO A 47 -21.06 12.25 0.71
N PHE A 48 -20.15 11.68 -0.12
CA PHE A 48 -19.89 12.15 -1.49
C PHE A 48 -20.92 11.49 -2.41
N LYS A 49 -21.65 12.28 -3.23
CA LYS A 49 -22.75 11.74 -4.03
C LYS A 49 -22.56 11.63 -5.53
N THR A 50 -21.96 12.65 -6.15
CA THR A 50 -21.68 12.70 -7.58
C THR A 50 -20.35 13.43 -7.77
N ALA A 51 -19.74 13.26 -8.94
CA ALA A 51 -18.48 13.92 -9.28
C ALA A 51 -18.46 14.22 -10.76
N VAL A 52 -17.92 15.39 -11.11
CA VAL A 52 -17.66 15.83 -12.48
C VAL A 52 -16.23 16.33 -12.57
N ILE A 53 -15.42 15.65 -13.40
CA ILE A 53 -13.99 15.96 -13.58
C ILE A 53 -13.76 16.37 -15.03
N THR A 54 -13.28 17.60 -15.24
CA THR A 54 -13.01 18.11 -16.57
C THR A 54 -11.68 17.56 -17.06
N VAL A 55 -11.62 17.24 -18.36
CA VAL A 55 -10.44 16.66 -19.02
C VAL A 55 -9.99 17.58 -20.16
N GLU A 56 -8.67 17.76 -20.32
CA GLU A 56 -8.12 18.56 -21.43
C GLU A 56 -7.99 17.64 -22.64
N ASN A 57 -8.57 18.06 -23.79
CA ASN A 57 -8.62 17.29 -25.05
C ASN A 57 -9.28 15.93 -24.78
N GLY A 58 -10.49 15.99 -24.23
CA GLY A 58 -11.30 14.83 -23.86
C GLY A 58 -12.64 15.17 -23.24
N LYS A 59 -13.55 14.19 -23.26
CA LYS A 59 -14.90 14.32 -22.70
C LYS A 59 -14.84 14.35 -21.18
N THR A 60 -15.65 15.23 -20.57
CA THR A 60 -15.78 15.39 -19.12
C THR A 60 -16.15 14.05 -18.48
N ILE A 61 -15.45 13.68 -17.41
CA ILE A 61 -15.69 12.43 -16.70
C ILE A 61 -16.75 12.69 -15.65
N GLN A 62 -17.83 11.89 -15.67
CA GLN A 62 -18.94 12.06 -14.75
C GLN A 62 -19.28 10.80 -13.98
N PHE A 63 -19.40 10.95 -12.66
CA PHE A 63 -19.80 9.87 -11.77
C PHE A 63 -21.19 10.21 -11.28
N GLY A 64 -22.18 9.52 -11.81
CA GLY A 64 -23.56 9.67 -11.37
C GLY A 64 -23.70 8.98 -10.03
N GLU A 65 -24.93 8.95 -9.50
CA GLU A 65 -25.23 8.36 -8.18
C GLU A 65 -24.75 6.91 -8.03
N GLU A 66 -25.04 6.03 -9.01
CA GLU A 66 -24.62 4.63 -8.96
C GLU A 66 -23.11 4.45 -9.13
N MET A 67 -22.49 5.21 -10.05
CA MET A 67 -21.04 5.12 -10.30
C MET A 67 -20.23 5.62 -9.08
N MET A 68 -20.74 6.67 -8.39
CA MET A 68 -20.11 7.22 -7.18
C MET A 68 -20.14 6.19 -6.05
N LYS A 69 -21.28 5.46 -5.89
CA LYS A 69 -21.39 4.41 -4.87
C LYS A 69 -20.36 3.32 -5.09
N ARG A 70 -20.09 2.97 -6.36
CA ARG A 70 -19.09 1.97 -6.72
C ARG A 70 -17.67 2.50 -6.40
N ALA A 71 -17.41 3.76 -6.78
CA ALA A 71 -16.13 4.46 -6.58
C ALA A 71 -15.74 4.59 -5.11
N LEU A 72 -16.73 4.64 -4.20
CA LEU A 72 -16.52 4.80 -2.77
C LEU A 72 -16.56 3.46 -2.02
N GLN A 73 -16.73 2.36 -2.74
CA GLN A 73 -16.85 1.01 -2.18
C GLN A 73 -15.60 0.17 -2.44
N TYR A 74 -15.39 -0.87 -1.60
CA TYR A 74 -14.32 -1.87 -1.75
C TYR A 74 -14.41 -2.49 -3.16
N SER A 75 -13.26 -2.87 -3.73
CA SER A 75 -13.19 -3.47 -5.07
C SER A 75 -12.09 -4.56 -5.08
N PRO A 76 -11.97 -5.41 -6.13
CA PRO A 76 -10.96 -6.50 -6.09
C PRO A 76 -9.50 -6.06 -5.91
N SER A 77 -8.73 -6.89 -5.18
CA SER A 77 -7.30 -6.66 -4.88
C SER A 77 -6.41 -6.41 -6.11
N ALA A 78 -6.67 -7.13 -7.22
CA ALA A 78 -5.89 -7.01 -8.45
C ALA A 78 -6.29 -5.77 -9.28
N GLY A 79 -7.39 -5.13 -8.93
CA GLY A 79 -7.89 -3.95 -9.62
C GLY A 79 -9.27 -4.15 -10.20
N ILE A 80 -9.91 -3.06 -10.65
CA ILE A 80 -11.27 -3.13 -11.24
C ILE A 80 -11.20 -3.89 -12.59
N PRO A 81 -12.19 -4.74 -12.95
CA PRO A 81 -12.08 -5.53 -14.19
C PRO A 81 -11.93 -4.74 -15.50
N GLU A 82 -12.59 -3.59 -15.62
CA GLU A 82 -12.49 -2.80 -16.87
C GLU A 82 -11.13 -2.16 -17.07
N LEU A 83 -10.43 -1.81 -15.97
CA LEU A 83 -9.09 -1.26 -16.07
C LEU A 83 -8.10 -2.37 -16.40
N LEU A 84 -8.21 -3.53 -15.72
CA LEU A 84 -7.38 -4.71 -15.94
C LEU A 84 -7.47 -5.21 -17.37
N SER A 85 -8.70 -5.26 -17.95
CA SER A 85 -8.89 -5.71 -19.32
C SER A 85 -8.32 -4.71 -20.34
N TRP A 86 -8.48 -3.38 -20.11
CA TRP A 86 -7.90 -2.35 -21.01
C TRP A 86 -6.36 -2.43 -20.97
N LEU A 87 -5.76 -2.55 -19.75
CA LEU A 87 -4.30 -2.63 -19.59
C LEU A 87 -3.74 -3.93 -20.17
N LYS A 88 -4.49 -5.05 -20.07
CA LYS A 88 -4.06 -6.32 -20.64
C LYS A 88 -3.99 -6.19 -22.16
N GLN A 89 -5.02 -5.55 -22.79
CA GLN A 89 -4.98 -5.32 -24.24
C GLN A 89 -3.84 -4.40 -24.63
N LEU A 90 -3.55 -3.37 -23.82
CA LEU A 90 -2.43 -2.47 -24.07
C LEU A 90 -1.10 -3.24 -24.05
N GLN A 91 -0.90 -4.11 -23.05
CA GLN A 91 0.32 -4.93 -22.93
C GLN A 91 0.47 -5.87 -24.13
N ILE A 92 -0.64 -6.47 -24.60
CA ILE A 92 -0.63 -7.35 -25.77
C ILE A 92 -0.26 -6.53 -27.00
N LYS A 93 -0.90 -5.35 -27.17
CA LYS A 93 -0.63 -4.48 -28.33
C LYS A 93 0.82 -3.98 -28.37
N LEU A 94 1.38 -3.58 -27.22
CA LEU A 94 2.72 -3.00 -27.13
C LEU A 94 3.85 -4.00 -27.05
N HIS A 95 3.62 -5.10 -26.33
CA HIS A 95 4.67 -6.08 -26.06
C HIS A 95 4.43 -7.47 -26.60
N ASN A 96 3.18 -7.80 -26.96
CA ASN A 96 2.79 -9.15 -27.44
C ASN A 96 3.55 -10.24 -26.67
N PRO A 97 3.44 -10.29 -25.31
CA PRO A 97 4.28 -11.23 -24.55
C PRO A 97 4.12 -12.68 -24.94
N PRO A 98 5.22 -13.44 -25.10
CA PRO A 98 5.10 -14.85 -25.52
C PRO A 98 4.29 -15.72 -24.56
N THR A 99 4.08 -15.24 -23.31
CA THR A 99 3.39 -15.96 -22.23
C THR A 99 1.86 -15.82 -22.17
N ILE A 100 1.23 -15.02 -23.06
CA ILE A 100 -0.23 -14.78 -23.04
C ILE A 100 -1.06 -16.05 -22.83
N HIS A 101 -0.74 -17.13 -23.58
CA HIS A 101 -1.53 -18.36 -23.56
C HIS A 101 -0.87 -19.55 -22.88
N TYR A 102 0.20 -19.33 -22.14
CA TYR A 102 0.89 -20.39 -21.41
C TYR A 102 -0.02 -20.91 -20.29
N PRO A 103 0.14 -22.17 -19.81
CA PRO A 103 -0.67 -22.61 -18.66
C PRO A 103 -0.32 -21.75 -17.43
N PRO A 104 -1.28 -21.49 -16.49
CA PRO A 104 -0.96 -20.67 -15.32
C PRO A 104 0.33 -21.06 -14.59
N SER A 105 0.55 -22.38 -14.35
CA SER A 105 1.76 -22.87 -13.69
C SER A 105 3.07 -22.65 -14.50
N GLN A 106 2.97 -22.39 -15.83
CA GLN A 106 4.13 -22.14 -16.70
C GLN A 106 4.44 -20.66 -16.92
N GLY A 107 3.78 -19.80 -16.16
CA GLY A 107 4.05 -18.38 -16.23
C GLY A 107 3.16 -17.56 -17.14
N GLN A 108 1.89 -17.97 -17.27
CA GLN A 108 0.87 -17.26 -18.05
C GLN A 108 0.88 -15.78 -17.66
N MET A 109 0.84 -14.89 -18.67
CA MET A 109 0.80 -13.46 -18.42
C MET A 109 -0.37 -13.08 -17.53
N ASP A 110 -0.06 -12.35 -16.46
CA ASP A 110 -1.06 -11.89 -15.51
C ASP A 110 -0.74 -10.45 -15.13
N LEU A 111 -1.77 -9.68 -14.78
CA LEU A 111 -1.60 -8.27 -14.44
C LEU A 111 -2.25 -7.96 -13.12
N CYS A 112 -1.76 -6.91 -12.47
CA CYS A 112 -2.41 -6.38 -11.30
C CYS A 112 -2.14 -4.90 -11.15
N VAL A 113 -3.18 -4.15 -10.84
CA VAL A 113 -3.11 -2.72 -10.61
C VAL A 113 -2.49 -2.58 -9.21
N THR A 114 -1.54 -1.66 -9.05
CA THR A 114 -0.88 -1.44 -7.76
C THR A 114 -1.03 0.04 -7.38
N SER A 115 -0.86 0.36 -6.09
CA SER A 115 -0.94 1.73 -5.60
C SER A 115 0.40 2.43 -5.91
N GLY A 116 0.59 2.72 -7.20
CA GLY A 116 1.83 3.24 -7.79
C GLY A 116 2.72 2.08 -8.16
N SER A 117 3.71 2.27 -9.07
CA SER A 117 4.62 1.18 -9.40
C SER A 117 5.53 0.79 -8.22
N GLN A 118 5.80 1.74 -7.29
CA GLN A 118 6.61 1.50 -6.08
C GLN A 118 6.06 0.32 -5.25
N GLN A 119 4.73 0.21 -5.14
CA GLN A 119 4.10 -0.86 -4.36
C GLN A 119 4.37 -2.23 -4.98
N GLY A 120 4.24 -2.30 -6.30
CA GLY A 120 4.51 -3.51 -7.07
C GLY A 120 5.92 -4.00 -6.84
N LEU A 121 6.90 -3.09 -7.00
CA LEU A 121 8.32 -3.36 -6.79
C LEU A 121 8.59 -3.85 -5.36
N LYS A 123 6.48 -5.19 -3.12
CA LYS A 123 5.90 -6.53 -2.91
C LYS A 123 6.69 -7.61 -3.64
N VAL A 124 7.21 -7.29 -4.83
CA VAL A 124 8.04 -8.22 -5.61
C VAL A 124 9.36 -8.52 -4.86
N PHE A 125 10.04 -7.48 -4.37
CA PHE A 125 11.29 -7.63 -3.61
C PHE A 125 11.06 -8.48 -2.34
N GLU A 126 9.98 -8.21 -1.59
CA GLU A 126 9.65 -8.92 -0.35
C GLU A 126 9.28 -10.37 -0.61
N MET A 127 8.63 -10.65 -1.76
CA MET A 127 8.24 -11.99 -2.18
C MET A 127 9.47 -12.88 -2.45
N ILE A 128 10.53 -12.30 -3.00
CA ILE A 128 11.73 -13.03 -3.44
C ILE A 128 12.87 -13.18 -2.43
N ILE A 129 13.25 -12.08 -1.78
CA ILE A 129 14.45 -11.96 -0.95
C ILE A 129 14.47 -12.55 0.44
N ASN A 130 15.40 -13.49 0.64
CA ASN A 130 15.76 -14.05 1.94
C ASN A 130 17.10 -13.38 2.30
N PRO A 131 17.42 -13.14 3.59
CA PRO A 131 18.74 -12.56 3.91
C PRO A 131 19.88 -13.45 3.36
N GLY A 132 20.89 -12.81 2.76
CA GLY A 132 22.00 -13.54 2.14
C GLY A 132 21.82 -13.78 0.65
N ASP A 133 20.61 -13.54 0.10
CA ASP A 133 20.39 -13.72 -1.34
C ASP A 133 21.20 -12.72 -2.14
N ASN A 134 21.62 -13.14 -3.35
CA ASN A 134 22.37 -12.28 -4.25
C ASN A 134 21.43 -11.69 -5.27
N VAL A 135 21.51 -10.38 -5.49
CA VAL A 135 20.70 -9.71 -6.49
C VAL A 135 21.61 -8.87 -7.37
N LEU A 136 21.21 -8.65 -8.62
CA LEU A 136 22.01 -7.86 -9.56
C LEU A 136 21.29 -6.58 -9.95
N LEU A 137 22.06 -5.50 -10.09
CA LEU A 137 21.60 -4.20 -10.61
C LEU A 137 22.79 -3.37 -11.03
N ASP A 138 22.52 -2.33 -11.80
CA ASP A 138 23.55 -1.40 -12.22
C ASP A 138 23.42 -0.12 -11.40
N GLU A 139 24.52 0.28 -10.72
CA GLU A 139 24.59 1.51 -9.96
C GLU A 139 25.20 2.59 -10.88
N PRO A 140 24.79 3.87 -10.79
CA PRO A 140 23.75 4.44 -9.89
C PRO A 140 22.35 3.95 -10.21
N ALA A 141 21.58 3.67 -9.15
CA ALA A 141 20.23 3.12 -9.27
C ALA A 141 19.22 3.95 -8.51
N TYR A 142 17.94 3.82 -8.87
CA TYR A 142 16.84 4.54 -8.23
C TYR A 142 16.90 4.34 -6.70
N SER A 143 16.97 5.46 -5.96
CA SER A 143 17.08 5.49 -4.50
C SER A 143 15.95 4.71 -3.81
N GLY A 144 14.73 4.77 -4.37
CA GLY A 144 13.55 4.04 -3.88
C GLY A 144 13.77 2.54 -3.87
N THR A 145 14.45 1.98 -4.89
CA THR A 145 14.73 0.54 -4.85
C THR A 145 15.86 0.19 -3.91
N LEU A 146 16.92 1.03 -3.86
CA LEU A 146 18.02 0.81 -2.91
C LEU A 146 17.49 0.87 -1.48
N GLN A 147 16.56 1.81 -1.19
CA GLN A 147 15.93 1.94 0.14
C GLN A 147 15.00 0.76 0.48
N SER A 148 14.41 0.10 -0.54
CA SER A 148 13.55 -1.08 -0.35
C SER A 148 14.43 -2.30 -0.07
N LEU A 149 15.53 -2.43 -0.84
CA LEU A 149 16.46 -3.57 -0.75
C LEU A 149 17.31 -3.59 0.51
N HIS A 150 17.79 -2.42 0.98
CA HIS A 150 18.62 -2.25 2.20
C HIS A 150 18.13 -3.07 3.42
N PRO A 151 16.85 -2.97 3.87
CA PRO A 151 16.40 -3.75 5.04
C PRO A 151 16.25 -5.25 4.80
N LEU A 152 16.21 -5.70 3.55
CA LEU A 152 16.02 -7.10 3.21
C LEU A 152 17.25 -8.03 3.39
N GLY A 153 18.42 -7.43 3.65
CA GLY A 153 19.67 -8.16 3.90
C GLY A 153 20.23 -8.95 2.73
N CYS A 154 19.97 -8.50 1.50
CA CYS A 154 20.50 -9.15 0.31
C CYS A 154 21.86 -8.54 -0.03
N ASN A 155 22.71 -9.29 -0.75
CA ASN A 155 23.98 -8.77 -1.24
C ASN A 155 23.68 -8.21 -2.63
N ILE A 156 23.89 -6.92 -2.83
CA ILE A 156 23.65 -6.28 -4.12
C ILE A 156 24.96 -6.31 -4.90
N ILE A 157 24.97 -6.98 -6.06
CA ILE A 157 26.15 -7.08 -6.91
C ILE A 157 25.99 -6.07 -8.04
N ASN A 158 26.90 -5.11 -8.11
CA ASN A 158 26.88 -4.06 -9.12
C ASN A 158 27.32 -4.57 -10.50
N VAL A 159 26.51 -4.32 -11.53
CA VAL A 159 26.83 -4.67 -12.91
C VAL A 159 27.27 -3.37 -13.60
N ALA A 160 28.40 -3.40 -14.35
CA ALA A 160 28.88 -2.21 -15.05
C ALA A 160 27.89 -1.74 -16.10
N SER A 161 27.85 -0.43 -16.32
CA SER A 161 26.96 0.21 -17.29
C SER A 161 27.67 1.40 -17.96
N ASP A 162 27.15 1.83 -19.12
CA ASP A 162 27.65 2.99 -19.87
C ASP A 162 26.44 3.77 -20.42
N GLU A 163 26.62 4.55 -21.51
CA GLU A 163 25.54 5.35 -22.11
C GLU A 163 24.42 4.50 -22.69
N SER A 164 24.70 3.23 -22.98
CA SER A 164 23.72 2.29 -23.51
C SER A 164 23.21 1.31 -22.43
N GLY A 165 23.34 1.70 -21.16
CA GLY A 165 22.90 0.93 -20.01
C GLY A 165 23.85 -0.18 -19.62
N ILE A 166 23.30 -1.27 -19.01
CA ILE A 166 24.08 -2.46 -18.58
C ILE A 166 24.97 -2.97 -19.73
N VAL A 167 26.24 -3.28 -19.41
CA VAL A 167 27.22 -3.85 -20.34
C VAL A 167 27.08 -5.38 -20.22
N PRO A 168 26.54 -6.08 -21.24
CA PRO A 168 26.35 -7.53 -21.12
C PRO A 168 27.62 -8.31 -20.77
N ASP A 169 28.79 -7.88 -21.26
CA ASP A 169 30.09 -8.51 -20.96
C ASP A 169 30.40 -8.47 -19.46
N SER A 170 30.01 -7.38 -18.78
CA SER A 170 30.17 -7.22 -17.33
C SER A 170 29.25 -8.22 -16.59
N LEU A 171 27.99 -8.35 -17.05
CA LEU A 171 27.02 -9.29 -16.45
C LEU A 171 27.52 -10.73 -16.64
N ARG A 172 28.05 -11.03 -17.85
CA ARG A 172 28.64 -12.32 -18.22
C ARG A 172 29.80 -12.69 -17.30
N ASP A 173 30.74 -11.73 -17.06
CA ASP A 173 31.90 -11.93 -16.17
C ASP A 173 31.50 -12.18 -14.73
N ILE A 174 30.52 -11.40 -14.22
CA ILE A 174 30.01 -11.57 -12.85
C ILE A 174 29.41 -12.97 -12.69
N LEU A 175 28.57 -13.39 -13.66
CA LEU A 175 27.91 -14.69 -13.62
C LEU A 175 28.84 -15.90 -13.69
N SER A 176 30.04 -15.72 -14.32
CA SER A 176 31.06 -16.78 -14.48
C SER A 176 31.56 -17.37 -13.14
N ARG A 177 31.32 -16.68 -12.01
CA ARG A 177 31.71 -17.23 -10.71
C ARG A 177 30.88 -18.47 -10.34
N TRP A 178 29.69 -18.61 -10.96
CA TRP A 178 28.78 -19.74 -10.82
C TRP A 178 28.77 -20.57 -12.12
N LYS A 179 28.17 -21.76 -12.04
CA LYS A 179 27.93 -22.62 -13.20
C LYS A 179 26.41 -22.61 -13.41
N PRO A 180 25.90 -22.67 -14.66
CA PRO A 180 24.43 -22.66 -14.86
C PRO A 180 23.64 -23.63 -13.97
N GLU A 181 24.19 -24.83 -13.70
CA GLU A 181 23.55 -25.84 -12.84
C GLU A 181 23.44 -25.45 -11.36
N ASP A 182 24.19 -24.45 -10.91
CA ASP A 182 24.11 -23.97 -9.52
C ASP A 182 22.73 -23.39 -9.17
N ALA A 183 21.96 -22.91 -10.19
CA ALA A 183 20.60 -22.36 -9.99
C ALA A 183 19.62 -23.42 -9.45
N LYS A 184 19.94 -24.71 -9.67
CA LYS A 184 19.12 -25.83 -9.19
C LYS A 184 19.62 -26.36 -7.84
N ASN A 185 20.82 -25.94 -7.42
CA ASN A 185 21.48 -26.39 -6.20
C ASN A 185 21.04 -25.54 -5.00
N PRO A 186 20.33 -26.16 -4.01
CA PRO A 186 19.86 -25.40 -2.84
C PRO A 186 20.94 -24.70 -2.01
N GLN A 187 22.19 -25.19 -2.08
CA GLN A 187 23.29 -24.56 -1.33
C GLN A 187 24.29 -23.77 -2.17
N LYS A 188 23.84 -23.14 -3.28
CA LYS A 188 24.76 -22.39 -4.13
C LYS A 188 24.66 -20.85 -4.24
N ASN A 189 23.49 -20.28 -3.95
CA ASN A 189 23.24 -18.82 -3.98
C ASN A 189 23.37 -18.05 -5.30
N THR A 190 22.95 -18.65 -6.42
CA THR A 190 22.96 -17.93 -7.70
C THR A 190 22.01 -16.72 -7.59
N PRO A 191 22.26 -15.59 -8.29
CA PRO A 191 21.36 -14.44 -8.17
C PRO A 191 19.88 -14.76 -8.41
N LYS A 192 19.01 -14.23 -7.55
CA LYS A 192 17.56 -14.46 -7.67
C LYS A 192 17.02 -13.66 -8.84
N PHE A 193 17.55 -12.43 -9.04
CA PHE A 193 17.12 -11.56 -10.12
C PHE A 193 18.12 -10.50 -10.50
N LEU A 194 17.87 -9.90 -11.67
CA LEU A 194 18.54 -8.72 -12.19
C LEU A 194 17.46 -7.64 -12.20
N TYR A 195 17.76 -6.51 -11.59
CA TYR A 195 16.86 -5.37 -11.58
C TYR A 195 17.44 -4.32 -12.52
N THR A 196 16.60 -3.73 -13.38
CA THR A 196 17.04 -2.62 -14.23
C THR A 196 15.89 -1.73 -14.65
N VAL A 197 16.23 -0.50 -15.01
CA VAL A 197 15.33 0.54 -15.52
C VAL A 197 15.83 0.74 -16.95
N PRO A 198 15.21 0.02 -17.90
CA PRO A 198 15.73 0.01 -19.29
C PRO A 198 15.60 1.29 -20.10
N ASN A 199 14.66 2.16 -19.74
CA ASN A 199 14.48 3.44 -20.42
C ASN A 199 14.63 4.57 -19.44
N GLY A 200 15.58 5.46 -19.73
CA GLY A 200 15.85 6.63 -18.90
C GLY A 200 16.11 6.26 -17.46
N ASN A 201 17.14 5.44 -17.23
CA ASN A 201 17.52 5.01 -15.89
C ASN A 201 17.57 6.19 -14.94
N ASN A 202 16.98 6.01 -13.76
CA ASN A 202 17.00 7.02 -12.71
C ASN A 202 18.24 6.68 -11.87
N PRO A 203 19.31 7.51 -11.88
CA PRO A 203 19.38 8.92 -12.28
C PRO A 203 20.08 9.31 -13.59
N THR A 204 20.71 8.36 -14.29
CA THR A 204 21.54 8.63 -15.48
C THR A 204 20.84 9.14 -16.73
N GLY A 205 19.63 8.68 -16.98
CA GLY A 205 18.88 9.01 -18.18
C GLY A 205 19.21 8.08 -19.35
N ASN A 206 20.12 7.14 -19.13
CA ASN A 206 20.57 6.18 -20.15
C ASN A 206 19.57 5.06 -20.38
N SER A 207 19.48 4.61 -21.64
CA SER A 207 18.57 3.55 -22.04
C SER A 207 19.29 2.39 -22.70
N LEU A 208 18.78 1.17 -22.47
CA LEU A 208 19.32 -0.03 -23.08
C LEU A 208 18.93 -0.10 -24.56
N THR A 209 19.78 -0.75 -25.37
CA THR A 209 19.48 -0.99 -26.79
C THR A 209 18.81 -2.38 -26.90
N SER A 210 18.19 -2.71 -28.04
CA SER A 210 17.54 -4.00 -28.31
C SER A 210 18.54 -5.12 -28.21
N GLU A 211 19.72 -4.94 -28.83
CA GLU A 211 20.81 -5.89 -28.90
C GLU A 211 21.29 -6.28 -27.50
N ARG A 212 21.44 -5.28 -26.62
CA ARG A 212 21.89 -5.53 -25.25
C ARG A 212 20.83 -6.28 -24.46
N LYS A 213 19.55 -5.91 -24.63
CA LYS A 213 18.42 -6.57 -23.98
C LYS A 213 18.37 -8.06 -24.32
N LYS A 214 18.58 -8.41 -25.61
CA LYS A 214 18.62 -9.80 -26.08
C LYS A 214 19.77 -10.58 -25.41
N GLU A 215 20.99 -9.97 -25.31
CA GLU A 215 22.15 -10.61 -24.67
C GLU A 215 21.91 -10.82 -23.17
N ILE A 216 21.32 -9.83 -22.51
CA ILE A 216 20.99 -9.88 -21.08
C ILE A 216 19.97 -10.97 -20.85
N TYR A 217 18.93 -11.04 -21.70
CA TYR A 217 17.90 -12.08 -21.61
C TYR A 217 18.52 -13.47 -21.71
N GLU A 218 19.45 -13.66 -22.67
CA GLU A 218 20.18 -14.91 -22.90
C GLU A 218 20.96 -15.34 -21.62
N LEU A 219 21.58 -14.38 -20.91
CA LEU A 219 22.28 -14.64 -19.64
C LEU A 219 21.30 -15.00 -18.51
N ALA A 220 20.11 -14.37 -18.50
CA ALA A 220 19.06 -14.66 -17.51
C ALA A 220 18.52 -16.08 -17.68
N ARG A 221 18.45 -16.58 -18.93
CA ARG A 221 18.03 -17.96 -19.20
C ARG A 221 19.12 -18.93 -18.75
N LYS A 222 20.37 -18.66 -19.16
CA LYS A 222 21.53 -19.49 -18.87
C LYS A 222 21.71 -19.75 -17.37
N TYR A 223 21.65 -18.69 -16.55
CA TYR A 223 21.84 -18.80 -15.11
C TYR A 223 20.54 -18.81 -14.31
N ASP A 224 19.41 -18.92 -15.03
CA ASP A 224 18.05 -19.00 -14.50
C ASP A 224 17.66 -18.01 -13.39
N PHE A 225 17.75 -16.71 -13.71
CA PHE A 225 17.33 -15.69 -12.76
C PHE A 225 16.21 -14.87 -13.38
N LEU A 226 15.47 -14.17 -12.54
CA LEU A 226 14.38 -13.35 -13.04
C LEU A 226 14.89 -11.99 -13.49
N ILE A 227 14.11 -11.30 -14.30
CA ILE A 227 14.41 -9.93 -14.71
C ILE A 227 13.27 -9.07 -14.16
N ILE A 228 13.62 -8.11 -13.32
CA ILE A 228 12.64 -7.15 -12.82
C ILE A 228 12.82 -5.92 -13.70
N GLU A 229 11.90 -5.73 -14.64
CA GLU A 229 11.90 -4.64 -15.59
C GLU A 229 11.08 -3.46 -15.02
N ASP A 230 11.76 -2.57 -14.30
CA ASP A 230 11.11 -1.38 -13.73
C ASP A 230 11.15 -0.35 -14.86
N ASP A 231 10.04 -0.14 -15.56
CA ASP A 231 10.04 0.73 -16.73
C ASP A 231 9.10 1.94 -16.62
N PRO A 232 9.25 2.85 -15.61
CA PRO A 232 8.32 3.99 -15.49
C PRO A 232 8.47 5.07 -16.56
N TYR A 233 9.60 5.07 -17.30
CA TYR A 233 9.89 6.04 -18.36
C TYR A 233 9.73 5.46 -19.74
N TYR A 234 9.02 4.31 -19.81
CA TYR A 234 8.72 3.64 -21.08
C TYR A 234 7.94 4.60 -22.00
N PHE A 235 6.98 5.36 -21.44
CA PHE A 235 6.17 6.31 -22.20
C PHE A 235 6.78 7.73 -22.21
N LEU A 236 8.08 7.83 -21.92
CA LEU A 236 8.79 9.11 -21.90
C LEU A 236 10.15 9.01 -22.62
N GLN A 237 10.18 8.27 -23.73
CA GLN A 237 11.38 8.06 -24.54
C GLN A 237 11.44 9.17 -25.57
N PHE A 238 12.61 9.78 -25.73
CA PHE A 238 12.78 10.88 -26.68
C PHE A 238 12.84 10.43 -28.13
N ASN A 239 13.24 9.19 -28.37
CA ASN A 239 13.26 8.69 -29.74
C ASN A 239 11.87 8.19 -30.18
N SER A 240 11.52 8.25 -31.49
CA SER A 240 10.23 7.70 -31.94
C SER A 240 10.29 6.16 -31.92
N GLY A 241 9.13 5.49 -31.94
CA GLY A 241 9.05 4.03 -31.98
C GLY A 241 9.95 3.25 -31.04
N ARG A 242 9.43 3.06 -29.83
CA ARG A 242 9.95 2.39 -28.66
C ARG A 242 10.71 1.09 -28.91
N VAL A 243 11.83 0.91 -28.18
CA VAL A 243 12.73 -0.26 -28.19
C VAL A 243 11.91 -1.47 -27.65
N PRO A 244 12.03 -2.70 -28.23
CA PRO A 244 11.32 -3.84 -27.62
C PRO A 244 11.72 -4.05 -26.15
N THR A 245 10.76 -4.40 -25.31
CA THR A 245 11.01 -4.57 -23.87
C THR A 245 11.46 -5.99 -23.53
N PHE A 246 11.90 -6.21 -22.28
CA PHE A 246 12.25 -7.56 -21.81
C PHE A 246 11.00 -8.43 -21.82
N LEU A 247 9.82 -7.84 -21.45
CA LEU A 247 8.53 -8.55 -21.47
C LEU A 247 8.21 -9.08 -22.87
N SER A 248 8.47 -8.28 -23.93
CA SER A 248 8.22 -8.69 -25.33
C SER A 248 9.03 -9.93 -25.76
N MET A 249 10.18 -10.16 -25.11
CA MET A 249 11.03 -11.31 -25.46
C MET A 249 11.02 -12.44 -24.43
N ASP A 250 10.09 -12.36 -23.46
CA ASP A 250 9.99 -13.31 -22.34
C ASP A 250 9.39 -14.67 -22.66
N VAL A 251 10.13 -15.47 -23.43
CA VAL A 251 9.73 -16.83 -23.80
C VAL A 251 9.68 -17.73 -22.53
N ASP A 252 10.57 -17.47 -21.54
CA ASP A 252 10.65 -18.30 -20.32
C ASP A 252 9.71 -17.98 -19.20
N GLY A 253 9.01 -16.86 -19.27
CA GLY A 253 8.13 -16.42 -18.19
C GLY A 253 8.97 -16.01 -16.98
N ARG A 254 10.12 -15.36 -17.23
CA ARG A 254 11.04 -14.91 -16.17
C ARG A 254 11.05 -13.41 -15.94
N VAL A 255 10.20 -12.66 -16.65
CA VAL A 255 10.16 -11.20 -16.51
C VAL A 255 8.99 -10.72 -15.65
N ILE A 256 9.27 -9.83 -14.68
CA ILE A 256 8.27 -9.12 -13.89
C ILE A 256 8.45 -7.66 -14.31
N ARG A 257 7.45 -7.08 -14.93
CA ARG A 257 7.49 -5.72 -15.41
C ARG A 257 6.61 -4.79 -14.58
N ALA A 258 7.15 -3.62 -14.21
CA ALA A 258 6.40 -2.58 -13.52
C ALA A 258 6.23 -1.41 -14.47
N ASP A 259 4.98 -0.95 -14.61
CA ASP A 259 4.62 0.20 -15.43
C ASP A 259 4.05 1.26 -14.51
N SER A 260 4.24 2.52 -14.87
CA SER A 260 3.78 3.62 -14.06
C SER A 260 3.02 4.67 -14.87
N PHE A 261 2.00 5.27 -14.26
CA PHE A 261 1.21 6.36 -14.85
C PHE A 261 1.61 7.69 -14.22
N SER A 262 2.63 7.67 -13.34
CA SER A 262 3.08 8.83 -12.58
C SER A 262 3.59 10.02 -13.36
N LYS A 263 4.30 9.79 -14.48
CA LYS A 263 4.82 10.91 -15.28
C LYS A 263 3.89 11.32 -16.41
N ILE A 264 2.96 10.41 -16.80
CA ILE A 264 2.04 10.66 -17.91
C ILE A 264 0.60 11.01 -17.54
N ILE A 265 0.06 10.40 -16.48
CA ILE A 265 -1.33 10.65 -16.09
C ILE A 265 -1.47 11.35 -14.73
N SER A 266 -0.84 10.79 -13.69
CA SER A 266 -0.86 11.36 -12.34
C SER A 266 0.01 10.56 -11.40
N SER A 267 0.87 11.26 -10.67
CA SER A 267 1.72 10.66 -9.63
C SER A 267 0.94 10.52 -8.32
N GLY A 268 0.15 11.54 -8.00
CA GLY A 268 -0.64 11.62 -6.77
C GLY A 268 -1.79 10.65 -6.65
N LEU A 269 -2.31 10.15 -7.77
CA LEU A 269 -3.42 9.19 -7.75
C LEU A 269 -2.99 7.80 -7.27
N ARG A 270 -1.67 7.50 -7.30
CA ARG A 270 -1.07 6.22 -6.89
C ARG A 270 -1.66 5.04 -7.67
N ILE A 271 -1.51 5.07 -9.00
CA ILE A 271 -2.00 3.99 -9.85
C ILE A 271 -0.89 3.61 -10.81
N GLY A 272 -0.43 2.38 -10.66
CA GLY A 272 0.57 1.75 -11.51
C GLY A 272 0.09 0.34 -11.80
N PHE A 273 0.91 -0.45 -12.48
CA PHE A 273 0.54 -1.85 -12.76
C PHE A 273 1.75 -2.74 -12.93
N LEU A 274 1.57 -4.01 -12.59
CA LEU A 274 2.60 -5.04 -12.65
C LEU A 274 2.14 -6.08 -13.68
N THR A 275 3.07 -6.56 -14.52
CA THR A 275 2.81 -7.60 -15.53
C THR A 275 3.87 -8.68 -15.34
N GLY A 276 3.43 -9.92 -15.25
CA GLY A 276 4.36 -11.02 -15.05
C GLY A 276 3.73 -12.38 -15.03
N PRO A 277 4.53 -13.40 -14.69
CA PRO A 277 4.00 -14.77 -14.61
C PRO A 277 2.98 -14.95 -13.51
N LYS A 278 1.84 -15.56 -13.84
CA LYS A 278 0.71 -15.79 -12.92
C LYS A 278 1.10 -16.28 -11.51
N PRO A 279 1.97 -17.31 -11.29
CA PRO A 279 2.30 -17.70 -9.91
C PRO A 279 2.97 -16.60 -9.08
N LEU A 280 3.75 -15.73 -9.73
CA LEU A 280 4.42 -14.63 -9.01
C LEU A 280 3.47 -13.47 -8.74
N ILE A 281 2.65 -13.10 -9.74
CA ILE A 281 1.67 -12.01 -9.62
C ILE A 281 0.66 -12.38 -8.53
N GLU A 282 0.27 -13.67 -8.47
CA GLU A 282 -0.63 -14.20 -7.44
C GLU A 282 -0.06 -13.96 -6.02
N ARG A 283 1.25 -14.22 -5.81
CA ARG A 283 1.89 -13.99 -4.51
C ARG A 283 1.84 -12.50 -4.15
N VAL A 284 2.02 -11.60 -5.14
CA VAL A 284 1.96 -10.14 -4.97
C VAL A 284 0.54 -9.70 -4.59
N ILE A 285 -0.48 -10.18 -5.31
CA ILE A 285 -1.89 -9.86 -5.05
C ILE A 285 -2.23 -10.26 -3.60
N LEU A 286 -1.79 -11.46 -3.15
CA LEU A 286 -2.06 -11.93 -1.78
C LEU A 286 -1.44 -11.05 -0.72
N HIS A 287 -0.23 -10.48 -0.98
CA HIS A 287 0.40 -9.55 -0.03
C HIS A 287 -0.37 -8.22 -0.07
N ILE A 288 -0.73 -7.74 -1.28
CA ILE A 288 -1.52 -6.49 -1.42
C ILE A 288 -2.84 -6.63 -0.65
N GLN A 289 -3.48 -7.81 -0.76
CA GLN A 289 -4.74 -8.14 -0.09
C GLN A 289 -4.72 -7.90 1.43
N VAL A 290 -3.59 -8.22 2.10
CA VAL A 290 -3.47 -8.03 3.55
C VAL A 290 -2.87 -6.68 3.93
N SER A 291 -2.58 -5.81 2.94
CA SER A 291 -2.02 -4.50 3.23
C SER A 291 -2.97 -3.40 2.79
N THR A 292 -2.94 -2.97 1.52
CA THR A 292 -3.85 -1.90 1.07
C THR A 292 -5.26 -2.42 0.77
N LEU A 293 -5.41 -3.75 0.63
CA LEU A 293 -6.63 -4.51 0.22
C LEU A 293 -6.78 -4.37 -1.28
N HIS A 294 -6.81 -3.12 -1.80
CA HIS A 294 -6.95 -2.80 -3.23
C HIS A 294 -6.55 -1.35 -3.50
N PRO A 295 -6.25 -0.94 -4.76
CA PRO A 295 -5.98 0.49 -5.00
C PRO A 295 -7.31 1.23 -4.98
N SER A 296 -7.29 2.52 -4.67
CA SER A 296 -8.49 3.37 -4.61
C SER A 296 -9.45 3.06 -5.78
N THR A 297 -10.72 2.71 -5.48
CA THR A 297 -11.68 2.41 -6.53
C THR A 297 -11.98 3.67 -7.35
N PHE A 298 -12.12 4.81 -6.66
CA PHE A 298 -12.39 6.12 -7.27
C PHE A 298 -11.32 6.47 -8.30
N ASN A 299 -10.05 6.39 -7.91
CA ASN A 299 -8.92 6.71 -8.79
C ASN A 299 -8.81 5.80 -9.97
N GLN A 300 -9.13 4.50 -9.79
CA GLN A 300 -9.12 3.51 -10.88
C GLN A 300 -10.21 3.83 -11.90
N LEU A 301 -11.41 4.17 -11.43
CA LEU A 301 -12.59 4.53 -12.26
C LEU A 301 -12.29 5.81 -13.07
N MET A 302 -11.59 6.79 -12.47
CA MET A 302 -11.20 8.05 -13.13
C MET A 302 -10.29 7.73 -14.33
N ILE A 303 -9.26 6.92 -14.09
CA ILE A 303 -8.28 6.52 -15.10
C ILE A 303 -8.92 5.63 -16.15
N SER A 304 -9.73 4.64 -15.73
CA SER A 304 -10.41 3.71 -16.63
C SER A 304 -11.36 4.43 -17.57
N GLN A 305 -12.19 5.37 -17.05
CA GLN A 305 -13.11 6.14 -17.89
C GLN A 305 -12.33 6.99 -18.90
N LEU A 306 -11.22 7.62 -18.46
CA LEU A 306 -10.36 8.41 -19.34
C LEU A 306 -9.77 7.55 -20.47
N LEU A 307 -9.17 6.39 -20.13
CA LEU A 307 -8.54 5.50 -21.10
C LEU A 307 -9.53 4.91 -22.10
N HIS A 308 -10.73 4.50 -21.64
CA HIS A 308 -11.76 3.94 -22.53
C HIS A 308 -12.26 4.96 -23.54
N GLU A 309 -12.45 6.23 -23.11
CA GLU A 309 -12.89 7.35 -23.96
C GLU A 309 -11.80 7.69 -25.00
N TRP A 310 -10.53 7.72 -24.55
CA TRP A 310 -9.37 8.00 -25.41
C TRP A 310 -9.11 6.88 -26.41
N GLY A 311 -9.18 5.64 -25.94
CA GLY A 311 -8.80 4.47 -26.72
C GLY A 311 -7.30 4.39 -26.75
N GLU A 312 -6.72 3.37 -27.39
CA GLU A 312 -5.25 3.25 -27.46
C GLU A 312 -4.65 4.44 -28.23
N GLU A 313 -5.36 4.94 -29.27
CA GLU A 313 -4.98 6.10 -30.10
C GLU A 313 -4.89 7.39 -29.27
N GLY A 314 -5.96 7.69 -28.53
CA GLY A 314 -6.03 8.87 -27.67
C GLY A 314 -4.96 8.88 -26.59
N PHE A 315 -4.66 7.69 -26.04
CA PHE A 315 -3.62 7.51 -25.04
C PHE A 315 -2.25 7.80 -25.65
N MET A 316 -1.96 7.20 -26.82
CA MET A 316 -0.69 7.41 -27.52
C MET A 316 -0.50 8.86 -27.99
N ALA A 317 -1.58 9.54 -28.38
CA ALA A 317 -1.55 10.95 -28.77
C ALA A 317 -1.20 11.82 -27.55
N HIS A 318 -1.75 11.48 -26.37
CA HIS A 318 -1.44 12.20 -25.14
C HIS A 318 0.03 11.99 -24.75
N VAL A 319 0.53 10.74 -24.82
CA VAL A 319 1.94 10.48 -24.48
C VAL A 319 2.92 11.23 -25.41
N ASP A 320 2.57 11.35 -26.71
CA ASP A 320 3.35 12.11 -27.69
C ASP A 320 3.46 13.58 -27.28
N ARG A 321 2.34 14.18 -26.81
CA ARG A 321 2.32 15.58 -26.35
C ARG A 321 3.17 15.72 -25.11
N VAL A 322 3.13 14.73 -24.18
CA VAL A 322 3.92 14.74 -22.94
C VAL A 322 5.42 14.66 -23.28
N ILE A 323 5.79 13.70 -24.17
CA ILE A 323 7.18 13.51 -24.65
C ILE A 323 7.69 14.82 -25.28
N ASP A 324 6.88 15.46 -26.14
CA ASP A 324 7.23 16.72 -26.78
C ASP A 324 7.58 17.79 -25.76
N PHE A 325 6.79 17.90 -24.66
CA PHE A 325 7.09 18.88 -23.62
C PHE A 325 8.44 18.58 -22.95
N TYR A 326 8.64 17.31 -22.51
CA TYR A 326 9.89 16.90 -21.87
C TYR A 326 11.10 17.02 -22.78
N SER A 327 10.92 16.82 -24.10
CA SER A 327 11.98 16.97 -25.09
C SER A 327 12.47 18.42 -25.16
N ASN A 328 11.53 19.39 -25.08
CA ASN A 328 11.85 20.83 -25.07
C ASN A 328 12.53 21.24 -23.78
N GLN A 329 12.12 20.61 -22.66
CA GLN A 329 12.71 20.83 -21.33
C GLN A 329 14.15 20.33 -21.32
N LYS A 330 14.37 19.13 -21.92
CA LYS A 330 15.68 18.49 -22.03
C LYS A 330 16.62 19.39 -22.84
N ASP A 331 16.14 19.96 -23.96
CA ASP A 331 16.95 20.88 -24.80
C ASP A 331 17.35 22.12 -24.02
N ALA A 332 16.40 22.67 -23.22
CA ALA A 332 16.63 23.85 -22.37
C ALA A 332 17.69 23.58 -21.29
N ILE A 333 17.63 22.41 -20.61
CA ILE A 333 18.63 22.08 -19.59
C ILE A 333 20.02 21.83 -20.20
N LEU A 334 20.05 21.22 -21.39
CA LEU A 334 21.28 20.93 -22.14
C LEU A 334 21.94 22.24 -22.57
N ALA A 335 21.12 23.22 -23.03
CA ALA A 335 21.60 24.55 -23.44
C ALA A 335 22.15 25.32 -22.22
N ALA A 336 21.50 25.19 -21.04
CA ALA A 336 21.97 25.82 -19.80
C ALA A 336 23.31 25.21 -19.34
N ALA A 337 23.45 23.86 -19.45
CA ALA A 337 24.67 23.14 -19.08
C ALA A 337 25.83 23.51 -20.03
N ASP A 338 25.56 23.65 -21.35
CA ASP A 338 26.56 24.02 -22.35
C ASP A 338 27.12 25.42 -22.04
N LYS A 339 26.23 26.37 -21.70
CA LYS A 339 26.56 27.76 -21.40
C LYS A 339 27.44 27.89 -20.15
N TRP A 340 27.00 27.30 -19.03
CA TRP A 340 27.65 27.40 -17.73
C TRP A 340 28.64 26.33 -17.31
N LEU A 341 28.42 25.06 -17.69
CA LEU A 341 29.23 23.94 -17.19
C LEU A 341 30.32 23.37 -18.09
N THR A 342 30.49 23.91 -19.32
CA THR A 342 31.54 23.44 -20.23
C THR A 342 32.91 23.62 -19.60
N GLY A 343 33.67 22.52 -19.49
CA GLY A 343 34.99 22.49 -18.87
C GLY A 343 34.98 22.30 -17.37
N LEU A 344 33.81 22.46 -16.71
CA LEU A 344 33.64 22.30 -15.26
C LEU A 344 32.93 20.99 -14.89
N ALA A 345 32.15 20.45 -15.83
CA ALA A 345 31.37 19.23 -15.62
C ALA A 345 31.23 18.41 -16.90
N GLU A 346 30.79 17.14 -16.76
CA GLU A 346 30.54 16.19 -17.83
C GLU A 346 29.13 15.64 -17.68
N TRP A 347 28.41 15.47 -18.80
CA TRP A 347 27.03 14.96 -18.82
C TRP A 347 26.75 14.31 -20.18
N HIS A 348 25.81 13.36 -20.21
CA HIS A 348 25.37 12.68 -21.43
C HIS A 348 23.96 13.14 -21.70
N VAL A 349 23.55 13.16 -22.98
CA VAL A 349 22.19 13.53 -23.36
C VAL A 349 21.25 12.39 -22.90
N PRO A 350 20.24 12.66 -22.03
CA PRO A 350 19.33 11.56 -21.61
C PRO A 350 18.47 11.06 -22.77
N ALA A 351 18.29 9.73 -22.86
CA ALA A 351 17.51 9.09 -23.92
C ALA A 351 16.01 9.06 -23.59
N ALA A 352 15.68 9.18 -22.28
CA ALA A 352 14.32 9.16 -21.75
C ALA A 352 14.30 9.75 -20.35
N GLY A 353 13.10 9.99 -19.82
CA GLY A 353 12.92 10.49 -18.46
C GLY A 353 13.02 11.99 -18.30
N MET A 354 13.22 12.44 -17.06
CA MET A 354 13.26 13.85 -16.71
C MET A 354 14.52 14.28 -15.97
N PHE A 355 15.59 13.47 -16.02
CA PHE A 355 16.81 13.82 -15.28
C PHE A 355 18.07 13.97 -16.12
N LEU A 356 18.95 14.88 -15.69
CA LEU A 356 20.28 15.11 -16.23
C LEU A 356 21.24 14.75 -15.10
N TRP A 357 22.14 13.81 -15.37
CA TRP A 357 23.14 13.31 -14.44
C TRP A 357 24.44 14.04 -14.77
N ILE A 358 24.93 14.84 -13.81
CA ILE A 358 26.11 15.70 -14.00
C ILE A 358 27.28 15.26 -13.14
N LYS A 359 28.46 15.04 -13.76
CA LYS A 359 29.69 14.71 -13.04
C LYS A 359 30.54 15.97 -12.94
N VAL A 360 30.80 16.45 -11.71
CA VAL A 360 31.64 17.63 -11.46
C VAL A 360 33.10 17.18 -11.57
N LYS A 361 33.86 17.87 -12.45
CA LYS A 361 35.25 17.55 -12.82
C LYS A 361 36.37 17.46 -11.77
N GLY A 362 36.56 18.47 -10.95
CA GLY A 362 37.71 18.45 -10.04
C GLY A 362 37.43 18.31 -8.57
N ILE A 363 36.25 17.76 -8.23
CA ILE A 363 35.80 17.57 -6.85
C ILE A 363 35.52 16.09 -6.60
N ASN A 364 36.00 15.56 -5.45
CA ASN A 364 35.78 14.16 -5.08
C ASN A 364 34.36 13.92 -4.55
N ASP A 365 33.83 14.88 -3.78
CA ASP A 365 32.50 14.80 -3.18
C ASP A 365 31.77 16.12 -3.28
N VAL A 366 30.61 16.11 -3.92
CA VAL A 366 29.79 17.29 -4.16
C VAL A 366 28.72 17.53 -3.08
N LYS A 367 28.58 16.58 -2.13
CA LYS A 367 27.60 16.60 -1.05
C LYS A 367 27.48 17.90 -0.27
N GLU A 368 28.59 18.44 0.30
CA GLU A 368 28.54 19.71 1.04
C GLU A 368 28.27 20.92 0.14
N LEU A 369 28.75 20.86 -1.13
CA LEU A 369 28.55 21.89 -2.15
C LEU A 369 27.06 22.00 -2.52
N ILE A 370 26.35 20.86 -2.59
CA ILE A 370 24.94 20.77 -2.97
C ILE A 370 23.96 20.83 -1.78
N GLU A 371 24.24 20.11 -0.67
CA GLU A 371 23.38 20.11 0.52
C GLU A 371 23.49 21.37 1.39
N GLU A 372 24.66 22.04 1.41
CA GLU A 372 24.84 23.26 2.23
C GLU A 372 24.96 24.54 1.39
N LYS A 373 26.10 24.69 0.67
CA LYS A 373 26.47 25.86 -0.15
C LYS A 373 25.46 26.29 -1.22
N ALA A 374 24.91 25.32 -1.99
CA ALA A 374 23.94 25.57 -3.05
C ALA A 374 22.59 26.02 -2.48
N VAL A 375 22.17 25.42 -1.34
CA VAL A 375 20.92 25.71 -0.65
C VAL A 375 20.93 27.15 -0.11
N LYS A 376 22.07 27.60 0.45
CA LYS A 376 22.23 28.97 0.96
C LYS A 376 22.19 30.01 -0.17
N MET A 377 22.47 29.58 -1.42
CA MET A 377 22.43 30.42 -2.62
C MET A 377 21.06 30.35 -3.33
N GLY A 378 20.16 29.51 -2.81
CA GLY A 378 18.79 29.34 -3.30
C GLY A 378 18.58 28.34 -4.43
N VAL A 379 19.47 27.34 -4.55
CA VAL A 379 19.40 26.32 -5.61
C VAL A 379 19.43 24.91 -5.02
N LEU A 380 18.43 24.10 -5.33
CA LEU A 380 18.32 22.72 -4.85
C LEU A 380 18.56 21.73 -6.00
N MET A 381 19.50 20.79 -5.81
CA MET A 381 19.85 19.69 -6.71
C MET A 381 20.09 18.45 -5.85
N LEU A 382 20.07 17.22 -6.41
CA LEU A 382 20.28 16.05 -5.57
C LEU A 382 21.72 15.54 -5.64
N PRO A 383 22.41 15.33 -4.49
CA PRO A 383 23.77 14.77 -4.55
C PRO A 383 23.70 13.32 -5.01
N GLY A 384 24.71 12.90 -5.76
CA GLY A 384 24.78 11.57 -6.36
C GLY A 384 24.81 10.39 -5.40
N ASN A 385 25.27 10.61 -4.15
CA ASN A 385 25.42 9.62 -3.07
C ASN A 385 24.18 8.78 -2.85
N ALA A 386 22.99 9.39 -2.98
CA ALA A 386 21.68 8.75 -2.79
C ALA A 386 21.38 7.60 -3.77
N PHE A 387 22.14 7.52 -4.89
CA PHE A 387 21.91 6.54 -5.94
C PHE A 387 22.89 5.38 -5.92
N TYR A 388 23.63 5.21 -4.82
CA TYR A 388 24.59 4.12 -4.67
C TYR A 388 24.27 3.32 -3.42
N VAL A 389 24.60 2.00 -3.44
CA VAL A 389 24.41 1.10 -2.29
C VAL A 389 25.17 1.68 -1.11
N ASP A 390 26.43 2.07 -1.36
CA ASP A 390 27.24 2.72 -0.34
C ASP A 390 27.08 4.24 -0.50
N SER A 391 26.06 4.81 0.16
CA SER A 391 25.75 6.24 0.13
C SER A 391 26.77 7.07 0.93
N SER A 392 27.58 6.42 1.79
CA SER A 392 28.62 7.12 2.56
C SER A 392 29.85 7.41 1.69
N ALA A 393 30.02 6.67 0.58
CA ALA A 393 31.15 6.86 -0.34
C ALA A 393 31.06 8.23 -1.04
N PRO A 394 32.20 8.93 -1.25
CA PRO A 394 32.12 10.24 -1.90
C PRO A 394 31.61 10.16 -3.34
N SER A 395 30.78 11.13 -3.75
CA SER A 395 30.26 11.17 -5.11
C SER A 395 30.45 12.53 -5.76
N PRO A 396 31.08 12.60 -6.96
CA PRO A 396 31.24 13.89 -7.65
C PRO A 396 30.01 14.23 -8.51
N TYR A 397 28.96 13.38 -8.46
CA TYR A 397 27.78 13.51 -9.29
C TYR A 397 26.62 14.23 -8.64
N LEU A 398 25.73 14.76 -9.47
CA LEU A 398 24.47 15.34 -9.05
C LEU A 398 23.36 15.06 -10.07
N ARG A 399 22.12 14.95 -9.59
CA ARG A 399 20.95 14.72 -10.41
C ARG A 399 20.16 16.04 -10.47
N ALA A 400 19.82 16.46 -11.69
CA ALA A 400 19.07 17.68 -11.94
C ALA A 400 17.81 17.33 -12.72
N SER A 401 16.65 17.70 -12.18
CA SER A 401 15.39 17.44 -12.85
C SER A 401 15.09 18.57 -13.83
N PHE A 402 14.57 18.21 -15.01
CA PHE A 402 14.18 19.22 -15.99
C PHE A 402 12.66 19.24 -16.24
N SER A 403 11.88 18.62 -15.34
CA SER A 403 10.42 18.52 -15.47
C SER A 403 9.64 19.83 -15.42
N SER A 404 10.01 20.78 -14.53
CA SER A 404 9.23 22.00 -14.34
C SER A 404 9.92 23.36 -14.47
N ALA A 405 11.22 23.44 -14.16
CA ALA A 405 11.96 24.70 -14.24
C ALA A 405 11.95 25.34 -15.62
N SER A 406 11.80 26.66 -15.66
CA SER A 406 11.78 27.43 -16.90
C SER A 406 13.23 27.61 -17.43
N PRO A 407 13.45 27.97 -18.72
CA PRO A 407 14.83 28.19 -19.20
C PRO A 407 15.61 29.22 -18.37
N GLU A 408 14.93 30.29 -17.92
CA GLU A 408 15.51 31.34 -17.08
C GLU A 408 15.87 30.81 -15.70
N GLN A 409 15.01 29.92 -15.13
CA GLN A 409 15.28 29.29 -13.82
C GLN A 409 16.50 28.38 -13.93
N MET A 410 16.61 27.64 -15.06
CA MET A 410 17.74 26.76 -15.37
C MET A 410 19.01 27.60 -15.52
N ASP A 411 18.93 28.78 -16.16
CA ASP A 411 20.07 29.70 -16.33
C ASP A 411 20.61 30.17 -14.99
N VAL A 412 19.70 30.62 -14.09
CA VAL A 412 20.04 31.08 -12.74
C VAL A 412 20.70 29.94 -11.94
N ALA A 413 20.08 28.74 -11.95
CA ALA A 413 20.57 27.55 -11.24
C ALA A 413 21.96 27.08 -11.71
N PHE A 414 22.17 27.02 -13.04
CA PHE A 414 23.45 26.59 -13.61
C PHE A 414 24.57 27.61 -13.46
N GLN A 415 24.21 28.90 -13.28
CA GLN A 415 25.14 30.01 -13.00
C GLN A 415 25.67 29.79 -11.60
N VAL A 416 24.75 29.57 -10.62
CA VAL A 416 25.04 29.31 -9.20
C VAL A 416 25.97 28.09 -9.08
N LEU A 417 25.69 27.01 -9.84
CA LEU A 417 26.48 25.78 -9.85
C LEU A 417 27.91 26.05 -10.31
N ALA A 418 28.07 26.72 -11.49
CA ALA A 418 29.36 27.05 -12.08
C ALA A 418 30.22 27.91 -11.15
N GLN A 419 29.56 28.84 -10.41
CA GLN A 419 30.16 29.73 -9.40
C GLN A 419 30.75 28.88 -8.26
N LEU A 420 29.95 27.94 -7.71
CA LEU A 420 30.33 27.05 -6.61
C LEU A 420 31.42 26.03 -7.01
N ILE A 421 31.43 25.59 -8.28
CA ILE A 421 32.44 24.67 -8.81
C ILE A 421 33.80 25.38 -8.81
N LYS A 422 33.84 26.63 -9.32
CA LYS A 422 35.04 27.49 -9.39
C LYS A 422 35.60 27.80 -7.99
N GLU A 423 34.71 27.98 -6.99
CA GLU A 423 35.03 28.27 -5.58
C GLU A 423 35.76 27.10 -4.91
N SER A 424 35.29 25.87 -5.14
CA SER A 424 35.84 24.64 -4.56
C SER A 424 37.12 24.13 -5.27
N LEU A 425 37.52 24.80 -6.37
CA LEU A 425 38.73 24.46 -7.12
C LEU A 425 39.87 25.41 -6.73
N LEU A 426 39.53 26.66 -6.33
CA LEU A 426 40.48 27.69 -5.92
C LEU A 426 40.68 27.74 -4.39
N VAL A 427 40.47 26.60 -3.70
CA VAL A 427 40.63 26.46 -2.24
C VAL A 427 41.94 25.72 -1.86
N PRO A 428 42.88 26.38 -1.13
CA PRO A 428 44.13 25.70 -0.76
C PRO A 428 44.01 24.90 0.53
N MET B 1 10.16 4.45 27.74
CA MET B 1 10.06 3.15 27.08
C MET B 1 11.19 2.91 26.06
N ASN B 2 11.48 1.63 25.82
CA ASN B 2 12.45 1.20 24.82
C ASN B 2 11.69 0.43 23.79
N TYR B 3 11.64 0.99 22.59
CA TYR B 3 10.88 0.41 21.50
C TYR B 3 11.65 -0.57 20.65
N ALA B 4 13.01 -0.54 20.73
CA ALA B 4 13.89 -1.41 19.91
C ALA B 4 13.66 -2.88 20.13
N ARG B 5 13.40 -3.31 21.36
CA ARG B 5 13.19 -4.74 21.66
C ARG B 5 11.94 -5.31 21.02
N PHE B 6 10.96 -4.46 20.65
CA PHE B 6 9.72 -4.90 20.00
C PHE B 6 9.85 -5.05 18.49
N ILE B 7 10.78 -4.30 17.88
CA ILE B 7 10.90 -4.26 16.43
C ILE B 7 11.91 -5.20 15.81
N THR B 8 11.79 -5.43 14.50
CA THR B 8 12.73 -6.31 13.82
C THR B 8 13.99 -5.51 13.41
N ALA B 9 15.07 -6.24 13.07
CA ALA B 9 16.32 -5.66 12.59
C ALA B 9 16.05 -4.94 11.25
N ALA B 10 15.18 -5.51 10.38
CA ALA B 10 14.79 -4.94 9.08
C ALA B 10 14.06 -3.59 9.28
N SER B 11 13.14 -3.51 10.24
CA SER B 11 12.42 -2.26 10.53
C SER B 11 13.39 -1.17 11.02
N ALA B 12 14.29 -1.54 11.96
CA ALA B 12 15.30 -0.62 12.50
C ALA B 12 16.24 -0.10 11.41
N ALA B 13 16.55 -0.94 10.41
CA ALA B 13 17.44 -0.60 9.30
C ALA B 13 16.86 0.45 8.33
N ARG B 14 15.51 0.65 8.30
CA ARG B 14 14.87 1.58 7.36
C ARG B 14 15.38 3.00 7.49
N ASN B 15 15.63 3.63 6.35
CA ASN B 15 16.13 5.00 6.25
C ASN B 15 15.16 5.88 5.45
N PRO B 16 15.08 7.19 5.79
CA PRO B 16 14.18 8.07 5.02
C PRO B 16 14.71 8.35 3.62
N SER B 17 13.78 8.73 2.72
CA SER B 17 14.07 9.09 1.33
C SER B 17 15.03 10.28 1.30
N PRO B 18 15.97 10.37 0.31
CA PRO B 18 16.88 11.54 0.27
C PRO B 18 16.19 12.89 0.06
N ILE B 19 14.92 12.89 -0.41
CA ILE B 19 14.16 14.12 -0.64
C ILE B 19 13.78 14.82 0.69
N ARG B 20 13.75 14.05 1.81
CA ARG B 20 13.44 14.57 3.15
C ARG B 20 14.48 15.59 3.60
N THR B 21 15.78 15.31 3.30
CA THR B 21 16.92 16.18 3.61
C THR B 21 16.78 17.53 2.91
N MET B 22 16.24 17.53 1.67
CA MET B 22 15.97 18.72 0.87
C MET B 22 14.81 19.51 1.48
N THR B 23 13.77 18.78 1.95
CA THR B 23 12.56 19.33 2.60
C THR B 23 12.91 19.98 3.95
N ASP B 24 13.95 19.48 4.64
CA ASP B 24 14.42 20.01 5.92
C ASP B 24 15.15 21.35 5.72
N ILE B 25 15.92 21.47 4.61
CA ILE B 25 16.66 22.69 4.25
C ILE B 25 15.85 23.65 3.34
N LEU B 26 14.57 23.28 3.04
CA LEU B 26 13.64 24.08 2.25
C LEU B 26 13.28 25.35 3.04
N SER B 27 12.97 25.17 4.35
CA SER B 27 12.65 26.28 5.24
C SER B 27 13.90 26.79 6.00
N ARG B 28 15.11 26.36 5.58
CA ARG B 28 16.36 26.83 6.20
C ARG B 28 17.13 27.86 5.37
N GLY B 29 17.00 27.79 4.05
CA GLY B 29 17.64 28.73 3.12
C GLY B 29 16.68 29.83 2.71
N PRO B 30 16.82 30.42 1.49
CA PRO B 30 15.88 31.47 1.07
C PRO B 30 14.46 30.96 0.78
N LYS B 31 13.56 31.89 0.42
CA LYS B 31 12.13 31.61 0.17
C LYS B 31 11.77 31.39 -1.31
N SER B 32 12.38 32.17 -2.23
CA SER B 32 12.15 32.07 -3.67
C SER B 32 13.23 31.17 -4.33
N MET B 33 13.31 29.91 -3.86
CA MET B 33 14.28 28.91 -4.31
C MET B 33 13.91 28.21 -5.61
N ILE B 34 14.93 27.83 -6.38
CA ILE B 34 14.79 27.05 -7.62
C ILE B 34 15.18 25.61 -7.28
N SER B 35 14.23 24.67 -7.40
CA SER B 35 14.46 23.27 -7.07
C SER B 35 14.59 22.36 -8.29
N LEU B 36 15.79 21.81 -8.49
CA LEU B 36 16.14 20.84 -9.54
C LEU B 36 16.47 19.50 -8.85
N ALA B 37 16.36 19.46 -7.51
CA ALA B 37 16.58 18.31 -6.64
C ALA B 37 15.45 17.32 -6.74
N GLY B 38 14.24 17.85 -6.89
CA GLY B 38 13.02 17.05 -6.94
C GLY B 38 12.94 16.05 -8.08
N GLY B 39 11.94 15.17 -7.97
CA GLY B 39 11.61 14.15 -8.95
C GLY B 39 10.12 14.20 -9.27
N LEU B 40 9.48 15.34 -8.93
CA LEU B 40 8.06 15.58 -9.17
C LEU B 40 7.82 15.82 -10.64
N PRO B 41 6.89 15.08 -11.28
CA PRO B 41 6.58 15.35 -12.70
C PRO B 41 5.84 16.68 -12.83
N ASN B 42 5.87 17.27 -14.05
CA ASN B 42 5.19 18.53 -14.33
C ASN B 42 3.68 18.35 -14.23
N PRO B 43 3.01 19.08 -13.30
CA PRO B 43 1.56 18.92 -13.12
C PRO B 43 0.73 19.27 -14.34
N ASN B 44 1.18 20.26 -15.15
CA ASN B 44 0.48 20.72 -16.37
C ASN B 44 0.29 19.64 -17.45
N MET B 45 1.05 18.54 -17.37
CA MET B 45 0.96 17.41 -18.29
C MET B 45 -0.22 16.50 -17.96
N PHE B 46 -0.75 16.55 -16.72
CA PHE B 46 -1.85 15.70 -16.26
C PHE B 46 -3.19 16.04 -16.94
N PRO B 47 -3.96 15.03 -17.42
CA PRO B 47 -5.19 15.33 -18.17
C PRO B 47 -6.42 15.79 -17.39
N PHE B 48 -6.51 15.52 -16.08
CA PHE B 48 -7.65 15.94 -15.24
C PHE B 48 -7.38 17.38 -14.78
N LYS B 49 -8.34 18.31 -14.99
CA LYS B 49 -8.10 19.74 -14.72
C LYS B 49 -8.80 20.37 -13.53
N THR B 50 -10.08 20.04 -13.33
CA THR B 50 -10.89 20.54 -12.22
C THR B 50 -11.81 19.42 -11.80
N ALA B 51 -12.35 19.52 -10.57
CA ALA B 51 -13.29 18.54 -10.04
C ALA B 51 -14.29 19.23 -9.16
N VAL B 52 -15.56 18.81 -9.27
CA VAL B 52 -16.65 19.24 -8.39
C VAL B 52 -17.38 18.00 -7.87
N ILE B 53 -17.36 17.83 -6.55
CA ILE B 53 -17.95 16.68 -5.87
C ILE B 53 -19.08 17.18 -4.97
N THR B 54 -20.31 16.71 -5.23
CA THR B 54 -21.47 17.09 -4.43
C THR B 54 -21.48 16.28 -3.15
N VAL B 55 -21.87 16.92 -2.05
CA VAL B 55 -21.93 16.32 -0.72
C VAL B 55 -23.37 16.39 -0.17
N GLU B 56 -23.84 15.32 0.50
CA GLU B 56 -25.17 15.33 1.12
C GLU B 56 -25.02 15.95 2.50
N ASN B 57 -25.85 16.97 2.80
CA ASN B 57 -25.84 17.74 4.07
C ASN B 57 -24.43 18.36 4.25
N GLY B 58 -24.01 19.09 3.23
CA GLY B 58 -22.70 19.74 3.18
C GLY B 58 -22.46 20.52 1.90
N LYS B 59 -21.47 21.44 1.96
CA LYS B 59 -21.08 22.28 0.84
C LYS B 59 -20.33 21.47 -0.20
N THR B 60 -20.62 21.73 -1.49
CA THR B 60 -19.98 21.11 -2.64
C THR B 60 -18.47 21.27 -2.56
N ILE B 61 -17.72 20.17 -2.76
CA ILE B 61 -16.27 20.20 -2.71
C ILE B 61 -15.77 20.52 -4.11
N GLN B 62 -14.93 21.56 -4.23
CA GLN B 62 -14.40 21.99 -5.51
C GLN B 62 -12.89 22.05 -5.58
N PHE B 63 -12.34 21.46 -6.64
CA PHE B 63 -10.91 21.49 -6.89
C PHE B 63 -10.72 22.37 -8.11
N GLY B 64 -10.23 23.58 -7.88
CA GLY B 64 -9.89 24.51 -8.97
C GLY B 64 -8.62 24.02 -9.64
N GLU B 65 -8.11 24.78 -10.61
CA GLU B 65 -6.90 24.44 -11.37
C GLU B 65 -5.67 24.15 -10.49
N GLU B 66 -5.37 25.02 -9.51
CA GLU B 66 -4.24 24.83 -8.61
C GLU B 66 -4.44 23.68 -7.62
N MET B 67 -5.65 23.52 -7.06
CA MET B 67 -5.96 22.44 -6.12
C MET B 67 -5.90 21.07 -6.80
N MET B 68 -6.36 20.99 -8.07
CA MET B 68 -6.32 19.76 -8.87
C MET B 68 -4.87 19.34 -9.13
N LYS B 69 -3.98 20.30 -9.44
CA LYS B 69 -2.56 20.00 -9.68
C LYS B 69 -1.94 19.40 -8.43
N ARG B 70 -2.33 19.89 -7.23
CA ARG B 70 -1.84 19.37 -5.93
C ARG B 70 -2.37 17.94 -5.71
N ALA B 71 -3.68 17.74 -5.97
CA ALA B 71 -4.38 16.46 -5.83
C ALA B 71 -3.81 15.35 -6.72
N LEU B 72 -3.23 15.72 -7.87
CA LEU B 72 -2.67 14.78 -8.85
C LEU B 72 -1.16 14.60 -8.69
N GLN B 73 -0.57 15.28 -7.70
CA GLN B 73 0.87 15.27 -7.44
C GLN B 73 1.24 14.47 -6.18
N TYR B 74 2.51 14.02 -6.11
CA TYR B 74 3.09 13.33 -4.95
C TYR B 74 2.91 14.21 -3.70
N SER B 75 2.76 13.58 -2.53
CA SER B 75 2.55 14.29 -1.26
C SER B 75 3.25 13.52 -0.12
N PRO B 76 3.39 14.07 1.11
CA PRO B 76 4.16 13.35 2.15
C PRO B 76 3.65 11.97 2.53
N SER B 77 4.58 11.05 2.86
CA SER B 77 4.29 9.66 3.27
C SER B 77 3.31 9.51 4.42
N ALA B 78 3.41 10.40 5.44
CA ALA B 78 2.54 10.37 6.63
C ALA B 78 1.16 10.93 6.39
N GLY B 79 0.98 11.60 5.24
CA GLY B 79 -0.28 12.21 4.86
C GLY B 79 -0.16 13.70 4.67
N ILE B 80 -1.19 14.32 4.07
CA ILE B 80 -1.19 15.78 3.84
C ILE B 80 -1.27 16.52 5.20
N PRO B 81 -0.56 17.67 5.40
CA PRO B 81 -0.55 18.32 6.73
C PRO B 81 -1.90 18.75 7.30
N GLU B 82 -2.82 19.24 6.46
CA GLU B 82 -4.14 19.66 6.95
C GLU B 82 -5.02 18.50 7.44
N LEU B 83 -4.86 17.30 6.85
CA LEU B 83 -5.61 16.13 7.31
C LEU B 83 -5.03 15.62 8.62
N LEU B 84 -3.69 15.54 8.70
CA LEU B 84 -2.94 15.11 9.88
C LEU B 84 -3.24 15.98 11.10
N SER B 85 -3.29 17.32 10.90
CA SER B 85 -3.58 18.25 11.99
C SER B 85 -5.04 18.13 12.46
N TRP B 86 -5.99 17.95 11.53
CA TRP B 86 -7.42 17.78 11.90
C TRP B 86 -7.60 16.46 12.69
N LEU B 87 -6.99 15.37 12.23
CA LEU B 87 -7.08 14.06 12.89
C LEU B 87 -6.41 14.07 14.27
N LYS B 88 -5.29 14.79 14.40
CA LYS B 88 -4.58 14.92 15.68
C LYS B 88 -5.50 15.63 16.68
N GLN B 89 -6.17 16.71 16.26
CA GLN B 89 -7.11 17.40 17.15
C GLN B 89 -8.29 16.51 17.54
N LEU B 90 -8.77 15.69 16.59
CA LEU B 90 -9.87 14.74 16.85
C LEU B 90 -9.45 13.73 17.93
N GLN B 91 -8.24 13.16 17.80
CA GLN B 91 -7.70 12.19 18.77
C GLN B 91 -7.55 12.82 20.16
N ILE B 92 -7.09 14.08 20.22
CA ILE B 92 -6.96 14.81 21.48
C ILE B 92 -8.35 15.01 22.10
N LYS B 93 -9.32 15.48 21.30
CA LYS B 93 -10.69 15.71 21.75
C LYS B 93 -11.37 14.42 22.26
N LEU B 94 -11.22 13.31 21.53
CA LEU B 94 -11.90 12.05 21.86
C LEU B 94 -11.20 11.20 22.91
N HIS B 95 -9.86 11.17 22.88
CA HIS B 95 -9.09 10.27 23.72
C HIS B 95 -8.16 10.95 24.70
N ASN B 96 -7.86 12.25 24.49
CA ASN B 96 -6.91 13.03 25.31
C ASN B 96 -5.73 12.13 25.76
N PRO B 97 -4.96 11.54 24.80
CA PRO B 97 -3.92 10.58 25.18
C PRO B 97 -2.89 11.13 26.16
N PRO B 98 -2.51 10.37 27.21
CA PRO B 98 -1.51 10.88 28.16
C PRO B 98 -0.15 11.23 27.54
N THR B 99 0.12 10.71 26.33
CA THR B 99 1.39 10.86 25.61
C THR B 99 1.54 12.12 24.72
N ILE B 100 0.51 12.98 24.62
CA ILE B 100 0.55 14.17 23.74
C ILE B 100 1.85 14.98 23.87
N HIS B 101 2.28 15.27 25.12
CA HIS B 101 3.46 16.11 25.37
C HIS B 101 4.70 15.38 25.84
N TYR B 102 4.73 14.06 25.73
CA TYR B 102 5.90 13.27 26.11
C TYR B 102 7.05 13.57 25.15
N PRO B 103 8.33 13.39 25.55
CA PRO B 103 9.42 13.56 24.57
C PRO B 103 9.30 12.50 23.45
N PRO B 104 9.70 12.80 22.18
CA PRO B 104 9.58 11.80 21.11
C PRO B 104 10.09 10.39 21.47
N SER B 105 11.26 10.28 22.12
CA SER B 105 11.83 9.00 22.53
C SER B 105 11.02 8.27 23.62
N GLN B 106 10.14 8.99 24.35
CA GLN B 106 9.30 8.42 25.41
C GLN B 106 7.89 8.01 24.92
N GLY B 107 7.67 8.04 23.62
CA GLY B 107 6.41 7.63 23.03
C GLY B 107 5.39 8.72 22.80
N GLN B 108 5.87 9.95 22.48
CA GLN B 108 5.03 11.09 22.14
C GLN B 108 3.99 10.66 21.10
N MET B 109 2.73 11.07 21.31
CA MET B 109 1.66 10.75 20.37
C MET B 109 2.00 11.26 18.97
N ASP B 110 1.89 10.36 17.98
CA ASP B 110 2.15 10.66 16.58
C ASP B 110 1.08 9.96 15.73
N LEU B 111 0.78 10.52 14.56
CA LEU B 111 -0.23 9.99 13.66
C LEU B 111 0.29 9.84 12.26
N CYS B 112 -0.33 8.94 11.51
CA CYS B 112 -0.07 8.81 10.08
C CYS B 112 -1.27 8.28 9.35
N VAL B 113 -1.55 8.89 8.20
CA VAL B 113 -2.66 8.50 7.34
C VAL B 113 -2.16 7.24 6.62
N THR B 114 -3.01 6.23 6.51
CA THR B 114 -2.65 4.97 5.85
C THR B 114 -3.67 4.69 4.73
N SER B 115 -3.31 3.83 3.78
CA SER B 115 -4.21 3.45 2.68
C SER B 115 -5.17 2.38 3.21
N GLY B 116 -6.12 2.85 4.04
CA GLY B 116 -7.06 2.04 4.81
C GLY B 116 -6.43 1.63 6.13
N SER B 117 -7.21 1.22 7.12
CA SER B 117 -6.60 0.78 8.40
C SER B 117 -5.82 -0.54 8.24
N GLN B 118 -6.20 -1.39 7.25
CA GLN B 118 -5.50 -2.66 6.95
C GLN B 118 -4.00 -2.44 6.70
N GLN B 119 -3.64 -1.35 6.02
CA GLN B 119 -2.24 -1.07 5.73
C GLN B 119 -1.44 -0.78 6.99
N GLY B 120 -2.03 0.01 7.89
CA GLY B 120 -1.46 0.36 9.18
C GLY B 120 -1.17 -0.89 10.00
N LEU B 121 -2.17 -1.77 10.12
CA LEU B 121 -2.07 -3.05 10.83
C LEU B 121 -0.99 -3.94 10.24
N LYS B 123 1.64 -3.11 8.30
CA LYS B 123 2.98 -2.52 8.55
C LYS B 123 3.38 -2.65 10.02
N VAL B 124 2.42 -2.54 10.94
CA VAL B 124 2.67 -2.71 12.39
C VAL B 124 3.09 -4.17 12.67
N PHE B 125 2.34 -5.16 12.15
CA PHE B 125 2.66 -6.57 12.32
C PHE B 125 4.06 -6.90 11.77
N GLU B 126 4.38 -6.41 10.56
CA GLU B 126 5.68 -6.67 9.91
C GLU B 126 6.83 -5.99 10.65
N MET B 127 6.58 -4.82 11.24
CA MET B 127 7.56 -4.07 12.03
C MET B 127 7.97 -4.84 13.30
N ILE B 128 7.03 -5.57 13.91
CA ILE B 128 7.22 -6.26 15.19
C ILE B 128 7.66 -7.71 15.15
N ILE B 129 7.01 -8.53 14.33
CA ILE B 129 7.13 -9.98 14.34
C ILE B 129 8.34 -10.64 13.69
N ASN B 130 9.08 -11.39 14.52
CA ASN B 130 10.15 -12.27 14.11
C ASN B 130 9.56 -13.69 14.22
N PRO B 131 9.96 -14.67 13.38
CA PRO B 131 9.42 -16.04 13.54
C PRO B 131 9.69 -16.57 14.95
N GLY B 132 8.70 -17.21 15.56
CA GLY B 132 8.81 -17.71 16.92
C GLY B 132 8.28 -16.77 17.98
N ASP B 133 7.98 -15.49 17.62
CA ASP B 133 7.42 -14.52 18.58
C ASP B 133 6.04 -14.96 19.03
N ASN B 134 5.70 -14.65 20.29
CA ASN B 134 4.40 -14.95 20.85
C ASN B 134 3.53 -13.73 20.77
N VAL B 135 2.31 -13.89 20.27
CA VAL B 135 1.35 -12.78 20.18
C VAL B 135 0.04 -13.25 20.80
N LEU B 136 -0.72 -12.30 21.36
CA LEU B 136 -2.00 -12.61 22.00
C LEU B 136 -3.15 -11.99 21.25
N LEU B 137 -4.26 -12.73 21.16
CA LEU B 137 -5.54 -12.27 20.59
C LEU B 137 -6.66 -13.19 21.01
N ASP B 138 -7.88 -12.74 20.85
CA ASP B 138 -9.06 -13.54 21.15
C ASP B 138 -9.69 -14.05 19.85
N GLU B 139 -9.87 -15.37 19.74
CA GLU B 139 -10.53 -16.01 18.59
C GLU B 139 -12.03 -16.23 18.96
N PRO B 140 -13.00 -16.11 18.01
CA PRO B 140 -12.85 -15.75 16.59
C PRO B 140 -12.35 -14.32 16.39
N ALA B 141 -11.45 -14.16 15.41
CA ALA B 141 -10.81 -12.87 15.11
C ALA B 141 -10.94 -12.50 13.66
N TYR B 142 -10.79 -11.21 13.34
CA TYR B 142 -10.87 -10.69 11.98
C TYR B 142 -9.93 -11.49 11.06
N SER B 143 -10.49 -12.10 10.00
CA SER B 143 -9.77 -12.92 9.02
C SER B 143 -8.57 -12.21 8.40
N GLY B 144 -8.71 -10.90 8.13
CA GLY B 144 -7.65 -10.06 7.60
C GLY B 144 -6.40 -10.03 8.50
N THR B 145 -6.59 -9.99 9.84
CA THR B 145 -5.41 -10.06 10.72
C THR B 145 -4.84 -11.43 10.82
N LEU B 146 -5.68 -12.48 10.89
CA LEU B 146 -5.21 -13.87 10.91
C LEU B 146 -4.42 -14.16 9.64
N GLN B 147 -4.91 -13.65 8.48
CA GLN B 147 -4.22 -13.86 7.20
C GLN B 147 -2.89 -13.08 7.11
N SER B 148 -2.77 -11.96 7.83
CA SER B 148 -1.53 -11.15 7.89
C SER B 148 -0.53 -11.84 8.76
N LEU B 149 -1.00 -12.35 9.93
CA LEU B 149 -0.15 -13.01 10.94
C LEU B 149 0.40 -14.37 10.52
N HIS B 150 -0.43 -15.20 9.85
CA HIS B 150 -0.07 -16.53 9.38
C HIS B 150 1.33 -16.64 8.69
N PRO B 151 1.65 -15.82 7.66
CA PRO B 151 2.98 -15.94 7.01
C PRO B 151 4.16 -15.46 7.87
N LEU B 152 3.90 -14.70 8.95
CA LEU B 152 4.95 -14.16 9.81
C LEU B 152 5.60 -15.15 10.79
N GLY B 153 5.05 -16.36 10.90
CA GLY B 153 5.57 -17.43 11.73
C GLY B 153 5.54 -17.20 13.23
N CYS B 154 4.57 -16.42 13.71
CA CYS B 154 4.42 -16.16 15.14
C CYS B 154 3.50 -17.23 15.75
N ASN B 155 3.63 -17.45 17.06
CA ASN B 155 2.74 -18.36 17.76
C ASN B 155 1.59 -17.49 18.26
N ILE B 156 0.37 -17.77 17.83
CA ILE B 156 -0.80 -17.02 18.25
C ILE B 156 -1.39 -17.72 19.46
N ILE B 157 -1.43 -17.04 20.61
CA ILE B 157 -1.98 -17.59 21.84
C ILE B 157 -3.38 -17.03 22.00
N ASN B 158 -4.38 -17.92 21.98
CA ASN B 158 -5.77 -17.54 22.09
C ASN B 158 -6.13 -17.17 23.53
N VAL B 159 -6.73 -15.98 23.71
CA VAL B 159 -7.21 -15.50 25.01
C VAL B 159 -8.72 -15.72 25.02
N ALA B 160 -9.27 -16.29 26.12
CA ALA B 160 -10.72 -16.53 26.24
C ALA B 160 -11.48 -15.20 26.22
N SER B 161 -12.68 -15.24 25.66
CA SER B 161 -13.57 -14.09 25.54
C SER B 161 -15.01 -14.52 25.72
N ASP B 162 -15.90 -13.56 26.02
CA ASP B 162 -17.34 -13.76 26.17
C ASP B 162 -18.08 -12.58 25.53
N GLU B 163 -19.32 -12.30 25.96
CA GLU B 163 -20.15 -11.20 25.40
C GLU B 163 -19.54 -9.84 25.69
N SER B 164 -18.67 -9.73 26.72
CA SER B 164 -17.99 -8.48 27.08
C SER B 164 -16.51 -8.45 26.59
N GLY B 165 -16.21 -9.27 25.58
CA GLY B 165 -14.88 -9.37 24.98
C GLY B 165 -13.91 -10.21 25.77
N ILE B 166 -12.59 -9.90 25.65
CA ILE B 166 -11.51 -10.59 26.37
C ILE B 166 -11.82 -10.69 27.88
N VAL B 167 -11.60 -11.89 28.47
CA VAL B 167 -11.78 -12.16 29.89
C VAL B 167 -10.40 -11.88 30.53
N PRO B 168 -10.24 -10.79 31.32
CA PRO B 168 -8.92 -10.47 31.91
C PRO B 168 -8.28 -11.61 32.72
N ASP B 169 -9.11 -12.42 33.43
CA ASP B 169 -8.64 -13.58 34.20
C ASP B 169 -7.94 -14.61 33.30
N SER B 170 -8.45 -14.79 32.06
CA SER B 170 -7.86 -15.69 31.07
C SER B 170 -6.49 -15.15 30.62
N LEU B 171 -6.40 -13.82 30.36
CA LEU B 171 -5.15 -13.17 29.97
C LEU B 171 -4.12 -13.30 31.10
N ARG B 172 -4.57 -13.09 32.34
CA ARG B 172 -3.79 -13.21 33.59
C ARG B 172 -3.20 -14.63 33.72
N ASP B 173 -4.05 -15.68 33.52
CA ASP B 173 -3.62 -17.10 33.59
C ASP B 173 -2.61 -17.45 32.52
N ILE B 174 -2.82 -16.98 31.28
CA ILE B 174 -1.89 -17.21 30.18
C ILE B 174 -0.52 -16.59 30.50
N LEU B 175 -0.53 -15.33 30.98
CA LEU B 175 0.70 -14.61 31.30
C LEU B 175 1.52 -15.21 32.45
N SER B 176 0.85 -15.93 33.38
CA SER B 176 1.46 -16.59 34.55
C SER B 176 2.56 -17.60 34.19
N ARG B 177 2.60 -18.08 32.92
CA ARG B 177 3.67 -19.00 32.50
C ARG B 177 5.05 -18.30 32.48
N TRP B 178 5.04 -16.96 32.41
CA TRP B 178 6.24 -16.11 32.47
C TRP B 178 6.25 -15.34 33.79
N LYS B 179 7.39 -14.72 34.11
CA LYS B 179 7.52 -13.83 35.26
C LYS B 179 7.66 -12.42 34.66
N PRO B 180 7.14 -11.34 35.31
CA PRO B 180 7.28 -9.99 34.72
C PRO B 180 8.69 -9.63 34.26
N GLU B 181 9.73 -10.09 35.00
CA GLU B 181 11.15 -9.84 34.65
C GLU B 181 11.63 -10.51 33.38
N ASP B 182 10.88 -11.52 32.86
CA ASP B 182 11.22 -12.19 31.59
C ASP B 182 11.12 -11.25 30.41
N ALA B 183 10.33 -10.17 30.54
CA ALA B 183 10.15 -9.18 29.48
C ALA B 183 11.47 -8.46 29.15
N LYS B 184 12.39 -8.38 30.13
CA LYS B 184 13.71 -7.76 30.01
C LYS B 184 14.79 -8.76 29.59
N ASN B 185 14.46 -10.06 29.62
CA ASN B 185 15.37 -11.15 29.27
C ASN B 185 15.32 -11.43 27.77
N PRO B 186 16.43 -11.17 27.03
CA PRO B 186 16.43 -11.41 25.58
C PRO B 186 16.15 -12.84 25.13
N GLN B 187 16.36 -13.84 26.00
CA GLN B 187 16.09 -15.24 25.65
C GLN B 187 14.86 -15.86 26.32
N LYS B 188 13.80 -15.05 26.58
CA LYS B 188 12.60 -15.58 27.25
C LYS B 188 11.27 -15.67 26.46
N ASN B 189 11.12 -14.89 25.38
CA ASN B 189 9.92 -14.89 24.51
C ASN B 189 8.57 -14.45 25.09
N THR B 190 8.58 -13.44 25.98
CA THR B 190 7.31 -12.90 26.49
C THR B 190 6.51 -12.31 25.30
N PRO B 191 5.17 -12.31 25.33
CA PRO B 191 4.41 -11.79 24.17
C PRO B 191 4.82 -10.38 23.74
N LYS B 192 4.94 -10.17 22.43
CA LYS B 192 5.29 -8.86 21.87
C LYS B 192 4.11 -7.90 22.01
N PHE B 193 2.90 -8.43 21.78
CA PHE B 193 1.68 -7.65 21.85
C PHE B 193 0.42 -8.45 22.07
N LEU B 194 -0.64 -7.73 22.43
CA LEU B 194 -2.01 -8.19 22.50
C LEU B 194 -2.74 -7.43 21.40
N TYR B 195 -3.42 -8.16 20.53
CA TYR B 195 -4.22 -7.57 19.49
C TYR B 195 -5.69 -7.74 19.88
N THR B 196 -6.49 -6.69 19.74
CA THR B 196 -7.94 -6.78 19.98
C THR B 196 -8.72 -5.72 19.22
N VAL B 197 -10.00 -6.02 18.99
CA VAL B 197 -10.99 -5.16 18.34
C VAL B 197 -11.97 -4.88 19.48
N PRO B 198 -11.76 -3.75 20.20
CA PRO B 198 -12.55 -3.49 21.42
C PRO B 198 -14.03 -3.17 21.23
N ASN B 199 -14.42 -2.67 20.06
CA ASN B 199 -15.82 -2.35 19.76
C ASN B 199 -16.28 -3.15 18.57
N GLY B 200 -17.33 -3.93 18.78
CA GLY B 200 -17.93 -4.74 17.73
C GLY B 200 -16.93 -5.65 17.05
N ASN B 201 -16.30 -6.54 17.84
CA ASN B 201 -15.31 -7.48 17.34
C ASN B 201 -15.83 -8.17 16.08
N ASN B 202 -14.97 -8.25 15.07
CA ASN B 202 -15.28 -8.91 13.82
C ASN B 202 -14.78 -10.35 14.04
N PRO B 203 -15.67 -11.37 14.13
CA PRO B 203 -17.07 -11.41 13.69
C PRO B 203 -18.20 -11.41 14.73
N THR B 204 -17.87 -11.47 16.04
CA THR B 204 -18.85 -11.62 17.11
C THR B 204 -19.80 -10.45 17.37
N GLY B 205 -19.32 -9.22 17.19
CA GLY B 205 -20.10 -8.02 17.46
C GLY B 205 -19.98 -7.59 18.92
N ASN B 206 -19.21 -8.34 19.73
CA ASN B 206 -19.00 -8.07 21.16
C ASN B 206 -18.03 -6.93 21.42
N SER B 207 -18.30 -6.15 22.47
CA SER B 207 -17.45 -5.03 22.85
C SER B 207 -16.91 -5.16 24.27
N LEU B 208 -15.68 -4.65 24.49
CA LEU B 208 -15.07 -4.62 25.82
C LEU B 208 -15.70 -3.53 26.69
N THR B 209 -15.71 -3.73 28.01
CA THR B 209 -16.18 -2.74 28.98
C THR B 209 -14.95 -1.92 29.44
N SER B 210 -15.18 -0.76 30.10
CA SER B 210 -14.12 0.12 30.63
C SER B 210 -13.28 -0.63 31.65
N GLU B 211 -13.96 -1.33 32.57
CA GLU B 211 -13.38 -2.09 33.67
C GLU B 211 -12.41 -3.16 33.14
N ARG B 212 -12.81 -3.88 32.10
CA ARG B 212 -11.98 -4.91 31.49
C ARG B 212 -10.75 -4.30 30.81
N LYS B 213 -10.95 -3.16 30.10
CA LYS B 213 -9.86 -2.44 29.42
C LYS B 213 -8.77 -2.02 30.41
N LYS B 214 -9.18 -1.50 31.59
CA LYS B 214 -8.27 -1.09 32.67
C LYS B 214 -7.46 -2.29 33.19
N GLU B 215 -8.12 -3.45 33.42
CA GLU B 215 -7.45 -4.67 33.88
C GLU B 215 -6.45 -5.21 32.84
N ILE B 216 -6.84 -5.17 31.57
CA ILE B 216 -6.00 -5.60 30.45
C ILE B 216 -4.80 -4.70 30.36
N TYR B 217 -5.00 -3.37 30.45
CA TYR B 217 -3.91 -2.40 30.42
C TYR B 217 -2.89 -2.67 31.52
N GLU B 218 -3.40 -2.95 32.75
CA GLU B 218 -2.58 -3.27 33.93
C GLU B 218 -1.69 -4.52 33.67
N LEU B 219 -2.24 -5.54 32.99
CA LEU B 219 -1.48 -6.76 32.60
C LEU B 219 -0.44 -6.45 31.52
N ALA B 220 -0.75 -5.51 30.59
CA ALA B 220 0.17 -5.07 29.53
C ALA B 220 1.37 -4.34 30.13
N ARG B 221 1.17 -3.57 31.22
CA ARG B 221 2.27 -2.89 31.92
C ARG B 221 3.12 -3.92 32.65
N LYS B 222 2.46 -4.82 33.43
CA LYS B 222 3.12 -5.84 34.24
C LYS B 222 4.08 -6.73 33.43
N TYR B 223 3.62 -7.23 32.29
CA TYR B 223 4.42 -8.12 31.44
C TYR B 223 5.07 -7.40 30.25
N ASP B 224 4.97 -6.06 30.23
CA ASP B 224 5.54 -5.16 29.24
C ASP B 224 5.33 -5.54 27.75
N PHE B 225 4.06 -5.63 27.33
CA PHE B 225 3.75 -5.89 25.94
C PHE B 225 2.94 -4.73 25.37
N LEU B 226 2.98 -4.57 24.05
CA LEU B 226 2.20 -3.52 23.40
C LEU B 226 0.75 -3.97 23.25
N ILE B 227 -0.14 -3.00 23.05
CA ILE B 227 -1.55 -3.23 22.76
C ILE B 227 -1.81 -2.67 21.38
N ILE B 228 -2.28 -3.53 20.48
CA ILE B 228 -2.67 -3.09 19.15
C ILE B 228 -4.18 -2.98 19.21
N GLU B 229 -4.67 -1.74 19.30
CA GLU B 229 -6.08 -1.43 19.37
C GLU B 229 -6.65 -1.20 17.96
N ASP B 230 -7.15 -2.27 17.34
CA ASP B 230 -7.74 -2.17 16.02
C ASP B 230 -9.20 -1.80 16.27
N ASP B 231 -9.55 -0.52 16.09
CA ASP B 231 -10.90 -0.05 16.44
C ASP B 231 -11.68 0.53 15.25
N PRO B 232 -11.96 -0.24 14.16
CA PRO B 232 -12.69 0.33 13.00
C PRO B 232 -14.17 0.57 13.26
N TYR B 233 -14.74 -0.01 14.34
CA TYR B 233 -16.16 0.15 14.70
C TYR B 233 -16.35 1.06 15.88
N TYR B 234 -15.31 1.88 16.18
CA TYR B 234 -15.37 2.87 17.25
C TYR B 234 -16.51 3.85 17.01
N PHE B 235 -16.69 4.28 15.74
CA PHE B 235 -17.74 5.22 15.35
C PHE B 235 -19.02 4.51 14.90
N LEU B 236 -19.21 3.24 15.33
CA LEU B 236 -20.38 2.44 14.98
C LEU B 236 -20.89 1.66 16.20
N GLN B 237 -20.87 2.29 17.38
CA GLN B 237 -21.33 1.69 18.63
C GLN B 237 -22.81 1.98 18.81
N PHE B 238 -23.60 0.95 19.13
CA PHE B 238 -25.06 1.12 19.29
C PHE B 238 -25.44 1.69 20.63
N ASN B 239 -24.60 1.50 21.65
CA ASN B 239 -24.88 2.06 22.94
C ASN B 239 -24.48 3.51 23.01
N SER B 240 -25.19 4.21 23.86
CA SER B 240 -24.98 5.63 24.07
C SER B 240 -23.70 5.86 24.83
N GLY B 241 -22.96 6.88 24.41
CA GLY B 241 -21.69 7.27 25.02
C GLY B 241 -20.57 6.28 24.75
N ARG B 242 -19.53 6.73 24.05
CA ARG B 242 -18.41 5.83 23.77
C ARG B 242 -17.57 5.48 25.01
N VAL B 243 -17.25 4.19 25.16
CA VAL B 243 -16.41 3.60 26.23
C VAL B 243 -14.97 4.20 26.07
N PRO B 244 -14.23 4.56 27.16
CA PRO B 244 -12.85 5.04 26.98
C PRO B 244 -11.99 3.99 26.26
N THR B 245 -11.09 4.42 25.39
CA THR B 245 -10.25 3.52 24.60
C THR B 245 -8.96 3.16 25.34
N PHE B 246 -8.20 2.19 24.79
CA PHE B 246 -6.86 1.86 25.35
C PHE B 246 -5.93 3.06 25.18
N LEU B 247 -6.06 3.80 24.05
CA LEU B 247 -5.27 5.00 23.77
C LEU B 247 -5.48 6.05 24.85
N SER B 248 -6.74 6.26 25.30
CA SER B 248 -7.07 7.24 26.37
C SER B 248 -6.39 6.94 27.70
N MET B 249 -6.05 5.66 27.96
CA MET B 249 -5.41 5.29 29.24
C MET B 249 -3.91 4.95 29.09
N ASP B 250 -3.32 5.24 27.91
CA ASP B 250 -1.95 4.90 27.58
C ASP B 250 -0.86 5.76 28.22
N VAL B 251 -0.71 5.65 29.55
CA VAL B 251 0.32 6.36 30.32
C VAL B 251 1.73 5.89 29.88
N ASP B 252 1.88 4.61 29.51
CA ASP B 252 3.19 4.04 29.14
C ASP B 252 3.66 4.23 27.73
N GLY B 253 2.79 4.69 26.83
CA GLY B 253 3.13 4.81 25.41
C GLY B 253 3.28 3.43 24.79
N ARG B 254 2.41 2.48 25.21
CA ARG B 254 2.43 1.10 24.71
C ARG B 254 1.28 0.76 23.75
N VAL B 255 0.43 1.74 23.42
CA VAL B 255 -0.72 1.48 22.55
C VAL B 255 -0.48 1.97 21.11
N ILE B 256 -0.80 1.11 20.13
CA ILE B 256 -0.84 1.46 18.70
C ILE B 256 -2.31 1.29 18.33
N ARG B 257 -2.95 2.39 17.94
CA ARG B 257 -4.36 2.39 17.60
C ARG B 257 -4.57 2.59 16.10
N ALA B 258 -5.45 1.77 15.51
CA ALA B 258 -5.84 1.90 14.11
C ALA B 258 -7.29 2.37 14.09
N ASP B 259 -7.56 3.44 13.32
CA ASP B 259 -8.88 3.99 13.09
C ASP B 259 -9.19 3.85 11.61
N SER B 260 -10.46 3.69 11.29
CA SER B 260 -10.88 3.53 9.91
C SER B 260 -12.03 4.45 9.54
N PHE B 261 -12.05 4.91 8.28
CA PHE B 261 -13.13 5.72 7.72
C PHE B 261 -13.99 4.87 6.78
N SER B 262 -13.69 3.56 6.70
CA SER B 262 -14.35 2.63 5.79
C SER B 262 -15.85 2.43 5.98
N LYS B 263 -16.33 2.42 7.22
CA LYS B 263 -17.76 2.23 7.47
C LYS B 263 -18.52 3.55 7.57
N ILE B 264 -17.82 4.65 7.82
CA ILE B 264 -18.44 5.96 8.01
C ILE B 264 -18.29 6.95 6.84
N ILE B 265 -17.15 6.96 6.15
CA ILE B 265 -16.93 7.91 5.06
C ILE B 265 -16.81 7.25 3.70
N SER B 266 -15.91 6.25 3.56
CA SER B 266 -15.73 5.49 2.33
C SER B 266 -14.72 4.39 2.53
N SER B 267 -15.08 3.18 2.12
CA SER B 267 -14.20 2.02 2.14
C SER B 267 -13.29 2.02 0.91
N GLY B 268 -13.85 2.40 -0.24
CA GLY B 268 -13.16 2.42 -1.53
C GLY B 268 -12.06 3.46 -1.68
N LEU B 269 -12.14 4.55 -0.91
CA LEU B 269 -11.12 5.62 -1.00
C LEU B 269 -9.79 5.21 -0.39
N ARG B 270 -9.79 4.16 0.47
CA ARG B 270 -8.60 3.61 1.16
C ARG B 270 -7.91 4.67 2.00
N ILE B 271 -8.62 5.23 2.97
CA ILE B 271 -8.07 6.23 3.88
C ILE B 271 -8.43 5.84 5.31
N GLY B 272 -7.41 5.54 6.08
CA GLY B 272 -7.49 5.22 7.51
C GLY B 272 -6.37 5.96 8.20
N PHE B 273 -6.19 5.73 9.50
CA PHE B 273 -5.10 6.37 10.24
C PHE B 273 -4.64 5.57 11.44
N LEU B 274 -3.37 5.73 11.77
CA LEU B 274 -2.71 5.06 12.87
C LEU B 274 -2.29 6.10 13.90
N THR B 275 -2.47 5.81 15.19
CA THR B 275 -2.06 6.69 16.30
C THR B 275 -1.25 5.87 17.27
N GLY B 276 -0.07 6.37 17.62
CA GLY B 276 0.79 5.65 18.53
C GLY B 276 2.06 6.39 18.90
N PRO B 277 2.97 5.69 19.59
CA PRO B 277 4.24 6.32 20.00
C PRO B 277 5.12 6.66 18.80
N LYS B 278 5.63 7.90 18.79
CA LYS B 278 6.47 8.43 17.71
C LYS B 278 7.56 7.47 17.16
N PRO B 279 8.39 6.78 17.98
CA PRO B 279 9.39 5.86 17.37
C PRO B 279 8.77 4.71 16.55
N LEU B 280 7.58 4.23 16.94
CA LEU B 280 6.92 3.14 16.23
C LEU B 280 6.22 3.62 14.96
N ILE B 281 5.53 4.77 15.05
CA ILE B 281 4.83 5.38 13.91
C ILE B 281 5.85 5.73 12.82
N GLU B 282 7.02 6.23 13.24
CA GLU B 282 8.14 6.54 12.35
C GLU B 282 8.57 5.31 11.55
N ARG B 283 8.70 4.14 12.21
CA ARG B 283 9.07 2.88 11.52
C ARG B 283 8.03 2.51 10.47
N VAL B 284 6.72 2.74 10.78
CA VAL B 284 5.60 2.46 9.87
C VAL B 284 5.64 3.40 8.64
N ILE B 285 5.83 4.71 8.88
CA ILE B 285 5.93 5.71 7.81
C ILE B 285 7.09 5.31 6.84
N LEU B 286 8.20 4.84 7.41
CA LEU B 286 9.36 4.44 6.60
C LEU B 286 9.09 3.24 5.71
N HIS B 287 8.28 2.27 6.18
CA HIS B 287 7.90 1.12 5.38
C HIS B 287 6.88 1.59 4.32
N ILE B 288 5.92 2.46 4.71
CA ILE B 288 4.92 3.00 3.76
C ILE B 288 5.65 3.73 2.62
N GLN B 289 6.70 4.51 2.97
CA GLN B 289 7.53 5.26 2.03
C GLN B 289 8.11 4.42 0.88
N VAL B 290 8.53 3.17 1.16
CA VAL B 290 9.10 2.29 0.12
C VAL B 290 8.04 1.38 -0.52
N SER B 291 6.77 1.52 -0.12
CA SER B 291 5.72 0.71 -0.73
C SER B 291 4.72 1.59 -1.50
N THR B 292 3.72 2.16 -0.84
CA THR B 292 2.75 3.00 -1.53
C THR B 292 3.26 4.42 -1.79
N LEU B 293 4.35 4.82 -1.09
CA LEU B 293 4.97 6.16 -1.05
C LEU B 293 4.13 7.04 -0.16
N HIS B 294 2.81 7.16 -0.46
CA HIS B 294 1.85 7.96 0.30
C HIS B 294 0.41 7.56 -0.06
N PRO B 295 -0.62 7.90 0.75
CA PRO B 295 -1.99 7.61 0.33
C PRO B 295 -2.38 8.62 -0.74
N SER B 296 -3.30 8.25 -1.64
CA SER B 296 -3.77 9.12 -2.73
C SER B 296 -3.94 10.57 -2.25
N THR B 297 -3.28 11.54 -2.91
CA THR B 297 -3.38 12.95 -2.53
C THR B 297 -4.81 13.44 -2.77
N PHE B 298 -5.40 13.04 -3.92
CA PHE B 298 -6.76 13.38 -4.32
C PHE B 298 -7.76 12.98 -3.25
N ASN B 299 -7.72 11.70 -2.82
CA ASN B 299 -8.63 11.15 -1.82
C ASN B 299 -8.48 11.81 -0.47
N GLN B 300 -7.24 12.16 -0.08
CA GLN B 300 -6.96 12.85 1.19
C GLN B 300 -7.56 14.26 1.19
N LEU B 301 -7.40 14.98 0.06
CA LEU B 301 -7.92 16.34 -0.14
C LEU B 301 -9.46 16.34 -0.10
N MET B 302 -10.11 15.29 -0.66
CA MET B 302 -11.57 15.12 -0.66
C MET B 302 -12.06 15.02 0.79
N ILE B 303 -11.44 14.12 1.57
CA ILE B 303 -11.78 13.87 2.96
C ILE B 303 -11.45 15.08 3.84
N SER B 304 -10.26 15.69 3.64
CA SER B 304 -9.83 16.85 4.41
C SER B 304 -10.76 18.04 4.21
N GLN B 305 -11.14 18.34 2.95
CA GLN B 305 -12.05 19.44 2.67
C GLN B 305 -13.43 19.18 3.30
N LEU B 306 -13.91 17.93 3.24
CA LEU B 306 -15.18 17.52 3.86
C LEU B 306 -15.14 17.72 5.40
N LEU B 307 -14.09 17.19 6.06
CA LEU B 307 -13.94 17.28 7.52
C LEU B 307 -13.78 18.71 8.02
N HIS B 308 -13.00 19.56 7.31
CA HIS B 308 -12.81 20.96 7.71
C HIS B 308 -14.12 21.76 7.62
N GLU B 309 -14.91 21.52 6.56
CA GLU B 309 -16.21 22.17 6.35
C GLU B 309 -17.22 21.73 7.43
N TRP B 310 -17.24 20.42 7.75
CA TRP B 310 -18.11 19.84 8.77
C TRP B 310 -17.72 20.28 10.18
N GLY B 311 -16.42 20.29 10.46
CA GLY B 311 -15.90 20.52 11.81
C GLY B 311 -16.09 19.25 12.61
N GLU B 312 -15.64 19.23 13.87
CA GLU B 312 -15.82 18.05 14.73
C GLU B 312 -17.31 17.75 14.94
N GLU B 313 -18.15 18.81 15.06
CA GLU B 313 -19.61 18.74 15.25
C GLU B 313 -20.27 18.06 14.03
N GLY B 314 -19.97 18.55 12.83
CA GLY B 314 -20.53 18.01 11.58
C GLY B 314 -20.17 16.56 11.37
N PHE B 315 -18.93 16.18 11.75
CA PHE B 315 -18.44 14.81 11.66
C PHE B 315 -19.23 13.92 12.63
N MET B 316 -19.36 14.35 13.90
CA MET B 316 -20.11 13.61 14.92
C MET B 316 -21.61 13.48 14.58
N ALA B 317 -22.19 14.52 13.94
CA ALA B 317 -23.59 14.51 13.50
C ALA B 317 -23.77 13.46 12.39
N HIS B 318 -22.77 13.36 11.48
CA HIS B 318 -22.81 12.36 10.41
C HIS B 318 -22.69 10.96 10.99
N VAL B 319 -21.76 10.73 11.96
CA VAL B 319 -21.62 9.40 12.57
C VAL B 319 -22.89 8.94 13.30
N ASP B 320 -23.60 9.88 13.95
CA ASP B 320 -24.88 9.63 14.63
C ASP B 320 -25.93 9.13 13.63
N ARG B 321 -26.00 9.76 12.43
CA ARG B 321 -26.93 9.36 11.38
C ARG B 321 -26.56 7.98 10.87
N VAL B 322 -25.24 7.68 10.72
CA VAL B 322 -24.77 6.37 10.24
C VAL B 322 -25.12 5.29 11.28
N ILE B 323 -24.84 5.54 12.59
CA ILE B 323 -25.17 4.63 13.71
C ILE B 323 -26.67 4.33 13.70
N ASP B 324 -27.50 5.38 13.57
CA ASP B 324 -28.96 5.24 13.52
C ASP B 324 -29.39 4.27 12.40
N PHE B 325 -28.79 4.40 11.19
CA PHE B 325 -29.11 3.49 10.08
C PHE B 325 -28.74 2.03 10.44
N TYR B 326 -27.49 1.81 10.91
CA TYR B 326 -27.02 0.48 11.29
C TYR B 326 -27.80 -0.13 12.46
N SER B 327 -28.29 0.72 13.38
CA SER B 327 -29.10 0.27 14.52
C SER B 327 -30.45 -0.29 14.02
N ASN B 328 -31.06 0.35 13.00
CA ASN B 328 -32.30 -0.09 12.39
C ASN B 328 -32.09 -1.38 11.59
N GLN B 329 -30.92 -1.52 10.96
CA GLN B 329 -30.53 -2.71 10.20
C GLN B 329 -30.35 -3.88 11.17
N LYS B 330 -29.72 -3.62 12.33
CA LYS B 330 -29.47 -4.61 13.39
C LYS B 330 -30.82 -5.11 13.93
N ASP B 331 -31.80 -4.21 14.17
CA ASP B 331 -33.13 -4.60 14.66
C ASP B 331 -33.84 -5.48 13.63
N ALA B 332 -33.72 -5.13 12.33
CA ALA B 332 -34.30 -5.90 11.23
C ALA B 332 -33.70 -7.30 11.12
N ILE B 333 -32.36 -7.46 11.25
CA ILE B 333 -31.73 -8.79 11.19
C ILE B 333 -32.08 -9.64 12.44
N LEU B 334 -32.21 -8.99 13.60
CA LEU B 334 -32.58 -9.64 14.86
C LEU B 334 -34.02 -10.15 14.78
N ALA B 335 -34.94 -9.33 14.18
CA ALA B 335 -36.34 -9.70 13.96
C ALA B 335 -36.44 -10.87 12.95
N ALA B 336 -35.60 -10.88 11.90
CA ALA B 336 -35.56 -11.98 10.93
C ALA B 336 -35.05 -13.28 11.56
N ALA B 337 -34.02 -13.18 12.43
CA ALA B 337 -33.44 -14.33 13.16
C ALA B 337 -34.45 -14.90 14.16
N ASP B 338 -35.21 -14.04 14.87
CA ASP B 338 -36.24 -14.45 15.82
C ASP B 338 -37.34 -15.25 15.11
N LYS B 339 -37.73 -14.76 13.92
CA LYS B 339 -38.79 -15.35 13.11
C LYS B 339 -38.45 -16.74 12.55
N TRP B 340 -37.27 -16.88 11.93
CA TRP B 340 -36.87 -18.10 11.24
C TRP B 340 -35.90 -19.04 11.96
N LEU B 341 -35.07 -18.51 12.87
CA LEU B 341 -33.99 -19.29 13.50
C LEU B 341 -34.18 -19.73 14.96
N THR B 342 -35.28 -19.31 15.63
CA THR B 342 -35.56 -19.69 17.02
C THR B 342 -35.65 -21.23 17.12
N GLY B 343 -34.84 -21.80 18.01
CA GLY B 343 -34.74 -23.24 18.20
C GLY B 343 -33.76 -23.94 17.26
N LEU B 344 -33.30 -23.23 16.20
CA LEU B 344 -32.37 -23.76 15.19
C LEU B 344 -30.96 -23.19 15.34
N ALA B 345 -30.87 -22.00 15.93
CA ALA B 345 -29.61 -21.30 16.10
C ALA B 345 -29.60 -20.45 17.35
N GLU B 346 -28.39 -19.99 17.76
CA GLU B 346 -28.14 -19.14 18.91
C GLU B 346 -27.33 -17.91 18.43
N TRP B 347 -27.64 -16.72 18.97
CA TRP B 347 -26.94 -15.48 18.61
C TRP B 347 -27.02 -14.48 19.76
N HIS B 348 -26.08 -13.54 19.84
CA HIS B 348 -26.08 -12.45 20.82
C HIS B 348 -26.37 -11.16 20.06
N VAL B 349 -26.97 -10.18 20.74
CA VAL B 349 -27.21 -8.85 20.15
C VAL B 349 -25.83 -8.15 20.00
N PRO B 350 -25.41 -7.74 18.77
CA PRO B 350 -24.10 -7.06 18.63
C PRO B 350 -24.13 -5.67 19.27
N ALA B 351 -23.03 -5.30 19.94
CA ALA B 351 -22.90 -4.00 20.62
C ALA B 351 -22.44 -2.90 19.67
N ALA B 352 -21.80 -3.29 18.56
CA ALA B 352 -21.27 -2.37 17.55
C ALA B 352 -21.03 -3.14 16.27
N GLY B 353 -20.76 -2.41 15.18
CA GLY B 353 -20.44 -3.00 13.89
C GLY B 353 -21.62 -3.36 13.02
N MET B 354 -21.39 -4.22 12.03
CA MET B 354 -22.39 -4.62 11.06
C MET B 354 -22.59 -6.13 10.94
N PHE B 355 -22.16 -6.90 11.93
CA PHE B 355 -22.28 -8.36 11.83
C PHE B 355 -23.05 -9.02 12.94
N LEU B 356 -23.77 -10.11 12.57
CA LEU B 356 -24.47 -11.01 13.48
C LEU B 356 -23.75 -12.35 13.38
N TRP B 357 -23.27 -12.85 14.52
CA TRP B 357 -22.54 -14.11 14.64
C TRP B 357 -23.55 -15.16 15.07
N ILE B 358 -23.79 -16.16 14.21
CA ILE B 358 -24.83 -17.17 14.44
C ILE B 358 -24.24 -18.55 14.65
N LYS B 359 -24.60 -19.22 15.76
CA LYS B 359 -24.19 -20.61 16.03
C LYS B 359 -25.36 -21.53 15.66
N VAL B 360 -25.14 -22.43 14.68
CA VAL B 360 -26.15 -23.41 14.25
C VAL B 360 -26.12 -24.54 15.27
N LYS B 361 -27.29 -24.85 15.85
CA LYS B 361 -27.48 -25.82 16.93
C LYS B 361 -27.06 -27.29 16.79
N GLY B 362 -27.50 -27.98 15.76
CA GLY B 362 -27.23 -29.41 15.71
C GLY B 362 -26.30 -29.90 14.62
N ILE B 363 -25.44 -29.00 14.13
CA ILE B 363 -24.49 -29.27 13.05
C ILE B 363 -23.07 -28.99 13.57
N ASN B 364 -22.12 -29.89 13.30
CA ASN B 364 -20.73 -29.73 13.72
C ASN B 364 -19.98 -28.75 12.82
N ASP B 365 -20.28 -28.78 11.51
CA ASP B 365 -19.63 -27.94 10.50
C ASP B 365 -20.63 -27.43 9.50
N VAL B 366 -20.72 -26.11 9.40
CA VAL B 366 -21.68 -25.43 8.53
C VAL B 366 -21.11 -25.07 7.15
N LYS B 367 -19.79 -25.32 6.94
CA LYS B 367 -19.04 -25.00 5.73
C LYS B 367 -19.69 -25.41 4.40
N GLU B 368 -20.06 -26.69 4.23
CA GLU B 368 -20.70 -27.14 2.98
C GLU B 368 -22.12 -26.57 2.80
N LEU B 369 -22.86 -26.39 3.92
CA LEU B 369 -24.19 -25.79 3.96
C LEU B 369 -24.10 -24.34 3.45
N ILE B 370 -23.09 -23.57 3.91
CA ILE B 370 -22.88 -22.17 3.57
C ILE B 370 -22.16 -21.91 2.23
N GLU B 371 -21.05 -22.60 1.97
CA GLU B 371 -20.26 -22.43 0.74
C GLU B 371 -20.87 -23.05 -0.50
N GLU B 372 -21.64 -24.14 -0.35
CA GLU B 372 -22.21 -24.82 -1.50
C GLU B 372 -23.73 -24.67 -1.59
N LYS B 373 -24.47 -25.34 -0.68
CA LYS B 373 -25.94 -25.39 -0.61
C LYS B 373 -26.66 -24.05 -0.57
N ALA B 374 -26.18 -23.08 0.25
CA ALA B 374 -26.77 -21.74 0.38
C ALA B 374 -26.59 -20.91 -0.89
N VAL B 375 -25.40 -21.03 -1.52
CA VAL B 375 -25.02 -20.32 -2.74
C VAL B 375 -25.91 -20.75 -3.91
N LYS B 376 -26.19 -22.07 -4.04
CA LYS B 376 -27.07 -22.61 -5.08
C LYS B 376 -28.53 -22.16 -4.90
N MET B 377 -28.91 -21.75 -3.66
CA MET B 377 -30.24 -21.25 -3.31
C MET B 377 -30.32 -19.71 -3.41
N GLY B 378 -29.19 -19.07 -3.74
CA GLY B 378 -29.06 -17.63 -3.93
C GLY B 378 -28.82 -16.78 -2.70
N VAL B 379 -28.21 -17.37 -1.65
CA VAL B 379 -27.94 -16.66 -0.39
C VAL B 379 -26.47 -16.81 -0.01
N LEU B 380 -25.78 -15.68 0.19
CA LEU B 380 -24.37 -15.66 0.57
C LEU B 380 -24.20 -15.24 2.03
N MET B 381 -23.49 -16.08 2.82
CA MET B 381 -23.15 -15.84 4.24
C MET B 381 -21.71 -16.38 4.42
N LEU B 382 -20.99 -15.97 5.48
CA LEU B 382 -19.63 -16.46 5.63
C LEU B 382 -19.54 -17.58 6.66
N PRO B 383 -18.88 -18.72 6.32
CA PRO B 383 -18.67 -19.78 7.32
C PRO B 383 -17.70 -19.32 8.40
N GLY B 384 -17.94 -19.76 9.63
CA GLY B 384 -17.16 -19.36 10.81
C GLY B 384 -15.69 -19.72 10.81
N ASN B 385 -15.31 -20.78 10.07
CA ASN B 385 -13.94 -21.31 9.93
C ASN B 385 -12.89 -20.24 9.62
N ALA B 386 -13.26 -19.25 8.81
CA ALA B 386 -12.40 -18.15 8.37
C ALA B 386 -11.90 -17.25 9.51
N PHE B 387 -12.54 -17.32 10.68
CA PHE B 387 -12.24 -16.46 11.83
C PHE B 387 -11.43 -17.14 12.92
N TYR B 388 -10.85 -18.31 12.62
CA TYR B 388 -10.02 -19.05 13.57
C TYR B 388 -8.65 -19.30 12.96
N VAL B 389 -7.62 -19.41 13.83
CA VAL B 389 -6.24 -19.70 13.42
C VAL B 389 -6.26 -21.03 12.67
N ASP B 390 -6.92 -22.03 13.27
CA ASP B 390 -7.09 -23.33 12.64
C ASP B 390 -8.43 -23.32 11.85
N SER B 391 -8.37 -22.86 10.60
CA SER B 391 -9.51 -22.77 9.69
C SER B 391 -9.97 -24.15 9.19
N SER B 392 -9.14 -25.19 9.35
CA SER B 392 -9.49 -26.57 8.96
C SER B 392 -10.43 -27.20 10.00
N ALA B 393 -10.43 -26.70 11.24
CA ALA B 393 -11.28 -27.22 12.31
C ALA B 393 -12.77 -26.98 11.97
N PRO B 394 -13.68 -27.95 12.27
CA PRO B 394 -15.11 -27.73 11.95
C PRO B 394 -15.70 -26.56 12.75
N SER B 395 -16.55 -25.76 12.11
CA SER B 395 -17.20 -24.63 12.77
C SER B 395 -18.71 -24.63 12.56
N PRO B 396 -19.51 -24.59 13.66
CA PRO B 396 -20.97 -24.53 13.49
C PRO B 396 -21.46 -23.09 13.33
N TYR B 397 -20.53 -22.12 13.25
CA TYR B 397 -20.85 -20.69 13.19
C TYR B 397 -20.89 -20.11 11.79
N LEU B 398 -21.60 -18.99 11.66
CA LEU B 398 -21.64 -18.21 10.45
C LEU B 398 -21.74 -16.71 10.77
N ARG B 399 -21.16 -15.89 9.90
CA ARG B 399 -21.21 -14.44 10.02
C ARG B 399 -22.18 -13.90 8.97
N ALA B 400 -23.13 -13.07 9.42
CA ALA B 400 -24.13 -12.47 8.56
C ALA B 400 -24.03 -10.96 8.67
N SER B 401 -23.86 -10.29 7.55
CA SER B 401 -23.77 -8.84 7.51
C SER B 401 -25.16 -8.24 7.42
N PHE B 402 -25.39 -7.16 8.18
CA PHE B 402 -26.66 -6.45 8.11
C PHE B 402 -26.51 -5.03 7.53
N SER B 403 -25.38 -4.74 6.87
CA SER B 403 -25.10 -3.42 6.30
C SER B 403 -26.02 -2.94 5.17
N SER B 404 -26.40 -3.83 4.24
CA SER B 404 -27.16 -3.40 3.06
C SER B 404 -28.48 -4.08 2.74
N ALA B 405 -28.64 -5.35 3.12
CA ALA B 405 -29.89 -6.08 2.84
C ALA B 405 -31.12 -5.43 3.45
N SER B 406 -32.23 -5.41 2.69
CA SER B 406 -33.50 -4.86 3.14
C SER B 406 -34.19 -5.84 4.11
N PRO B 407 -35.20 -5.42 4.94
CA PRO B 407 -35.88 -6.39 5.82
C PRO B 407 -36.48 -7.59 5.06
N GLU B 408 -37.01 -7.35 3.85
CA GLU B 408 -37.57 -8.41 2.99
C GLU B 408 -36.49 -9.35 2.49
N GLN B 409 -35.29 -8.81 2.15
CA GLN B 409 -34.15 -9.62 1.72
C GLN B 409 -33.66 -10.49 2.88
N MET B 410 -33.65 -9.93 4.10
CA MET B 410 -33.28 -10.65 5.33
C MET B 410 -34.28 -11.78 5.60
N ASP B 411 -35.57 -11.50 5.40
CA ASP B 411 -36.65 -12.48 5.56
C ASP B 411 -36.44 -13.69 4.63
N VAL B 412 -36.19 -13.44 3.32
CA VAL B 412 -35.92 -14.47 2.30
C VAL B 412 -34.65 -15.27 2.66
N ALA B 413 -33.54 -14.57 3.00
CA ALA B 413 -32.26 -15.18 3.35
C ALA B 413 -32.37 -16.11 4.57
N PHE B 414 -33.09 -15.68 5.61
CA PHE B 414 -33.27 -16.46 6.83
C PHE B 414 -34.19 -17.67 6.62
N GLN B 415 -35.19 -17.51 5.74
CA GLN B 415 -36.11 -18.58 5.34
C GLN B 415 -35.29 -19.71 4.65
N VAL B 416 -34.34 -19.31 3.78
CA VAL B 416 -33.43 -20.24 3.08
C VAL B 416 -32.51 -20.92 4.09
N LEU B 417 -31.90 -20.15 5.00
CA LEU B 417 -31.02 -20.68 6.05
C LEU B 417 -31.77 -21.75 6.86
N ALA B 418 -32.96 -21.40 7.39
CA ALA B 418 -33.81 -22.32 8.17
C ALA B 418 -34.08 -23.62 7.40
N GLN B 419 -34.43 -23.51 6.11
CA GLN B 419 -34.68 -24.66 5.23
C GLN B 419 -33.46 -25.58 5.16
N LEU B 420 -32.27 -25.00 4.99
CA LEU B 420 -31.01 -25.76 4.90
C LEU B 420 -30.64 -26.40 6.21
N ILE B 421 -30.83 -25.69 7.33
CA ILE B 421 -30.56 -26.21 8.67
C ILE B 421 -31.50 -27.42 8.90
N LYS B 422 -32.79 -27.26 8.58
CA LYS B 422 -33.78 -28.33 8.72
C LYS B 422 -33.39 -29.56 7.91
N GLU B 423 -32.91 -29.36 6.66
CA GLU B 423 -32.44 -30.43 5.76
C GLU B 423 -31.29 -31.19 6.40
N SER B 424 -30.31 -30.45 6.95
CA SER B 424 -29.15 -31.04 7.63
C SER B 424 -29.54 -31.79 8.88
N LEU B 425 -30.55 -31.30 9.63
CA LEU B 425 -31.02 -31.96 10.85
C LEU B 425 -31.68 -33.29 10.58
N LEU B 426 -32.22 -33.50 9.36
CA LEU B 426 -32.88 -34.74 8.95
C LEU B 426 -31.90 -35.80 8.45
N VAL B 427 -30.67 -35.41 8.07
CA VAL B 427 -29.69 -36.40 7.61
C VAL B 427 -28.93 -37.05 8.78
N PRO B 428 -29.04 -38.39 8.97
CA PRO B 428 -28.35 -39.02 10.10
C PRO B 428 -26.90 -39.35 9.78
#